data_8ZBB
#
_entry.id   8ZBB
#
_cell.length_a   1.00
_cell.length_b   1.00
_cell.length_c   1.00
_cell.angle_alpha   90.00
_cell.angle_beta   90.00
_cell.angle_gamma   90.00
#
_symmetry.space_group_name_H-M   'P 1'
#
loop_
_entity.id
_entity.type
_entity.pdbx_description
1 polymer 'Muropeptide transporter,Soluble cytochrome b562'
2 polymer 'anti-BRIL Fab Heavy chain'
3 polymer 'anti-BRIL Fab Nanobody'
4 polymer 'anti-BRIL Fab Light chain'
#
loop_
_entity_poly.entity_id
_entity_poly.type
_entity_poly.pdbx_seq_one_letter_code
_entity_poly.pdbx_strand_id
1 'polypeptide(L)'
;PKSAILLILGFASGLPLALTSGTLQAWMTVENIDLKTIWFFSLVGQAYVFKFLWSPVMDRYTPPFLGRRRGWLVTTQILL
LIAIAAMGFLEPGTQLRWMAALAVVIAFCSASQDIVFDAWKTDVLPAEERGTGAAISVLGYRLGMLVSGGLALWMADKWL
GWQGMYWLMAALLVPCIIATLLAPEPSADLADNWETLNDNLKVIEKADNAAQVKDALTKMRAAALDAQKATPPKLEDKSP
DSPEMKDFRHGFDILVGQIDDALKLANEGKVKEAQAAAEQLKTTRNAYIQKYLGVPRTLEQAVVAPLRDFFGRNNAWLIL
LLIVLYKLGDAFAMSLTTTFLIRGVGFDAGEVGMVNKTLGWIATIIGALYGGVLMQRLSLFRALLIFGILQGVSNAGYWL
LSITDKHLMSMAVAVFFENLCGGMGTAAFVALLMTLCNKSFSATQFALLSALSAVGRVYVGPIAGWFVEAHGWPTFYLFS
VFAAVPGILLLLICRKTLEYTQQTESFMMRRHFSGAYQFALYLLLLGCLLLALWLIMLALNAIDYTSFSFLAGLLEVAAL
IAIAGVLLGAILDYLALRRTEE
;
A
2 'polypeptide(L)'
;EVQLVESGGGLVQPGGSLRLSCAASGFNVVDFSLHWVRQAPGKGLEWVAYISSSSGSTSYADSVKGRFTISADTSKNTAY
LQMNSLRAEDTAVYYCARWGYWPGEPWWKAFDYWGQGTLVTVSSASTKGPSVFPLAPSSKSTSGGTAALGCLVKDYFPEP
VTVSWNSGALTSGVHTFPAVLQSSGLYSLSSVVTVPSSSLGTQTYICNVNHKPSNTKVDKKVEPK
;
H
3 'polypeptide(L)'
;QVQLQESGGGLVQPGGSLRLSCAASGRTISRYAMSWFRQAPGKEREFVAVARRSGDGAFYADSVQGRFTVSRDDAKNTVY
LQMNSLKPEDTAVYYCAIDSDTFYSGSYDYWGQGTQVTVS
;
K
4 'polypeptide(L)'
;DIQMTQSPSSLSASVGDRVTITCRASQSVSSAVAWYQQKPGKAPKLLIYSASSLYSGVPSRFSGSRSGTDFTLTISSLQP
EDFATYYCQQYLYYSLVTFGQGTKVEIKRTVAAPSVFIFPPSDSQLKSGTASVVCLLNNFYPREAKVQWKVDNALQSGNS
QESVTEQDSKDSTYSLSSTLTLSKADYEKHKVYACEVTHQGLSSPVTKSFNR
;
L
#
# COMPACT_ATOMS: atom_id res chain seq x y z
N PRO A 1 -4.20 8.62 7.28
CA PRO A 1 -3.41 8.66 6.06
C PRO A 1 -4.18 9.24 4.88
N LYS A 2 -5.34 8.67 4.58
CA LYS A 2 -6.15 9.18 3.48
C LYS A 2 -6.61 10.61 3.75
N SER A 3 -6.96 10.91 4.99
CA SER A 3 -7.44 12.25 5.33
C SER A 3 -6.34 13.30 5.11
N ALA A 4 -5.10 12.95 5.44
CA ALA A 4 -3.99 13.86 5.15
C ALA A 4 -3.86 14.11 3.65
N ILE A 5 -4.05 13.06 2.85
CA ILE A 5 -3.99 13.20 1.40
C ILE A 5 -5.09 14.14 0.92
N LEU A 6 -6.30 13.96 1.43
CA LEU A 6 -7.41 14.84 1.04
C LEU A 6 -7.11 16.28 1.42
N LEU A 7 -6.57 16.50 2.62
CA LEU A 7 -6.27 17.85 3.07
C LEU A 7 -5.23 18.51 2.18
N ILE A 8 -4.15 17.79 1.88
CA ILE A 8 -3.08 18.39 1.08
C ILE A 8 -3.54 18.61 -0.36
N LEU A 9 -4.38 17.73 -0.89
CA LEU A 9 -4.88 17.91 -2.25
C LEU A 9 -5.85 19.08 -2.33
N GLY A 10 -6.69 19.26 -1.31
CA GLY A 10 -7.52 20.46 -1.26
C GLY A 10 -6.70 21.73 -1.17
N PHE A 11 -5.62 21.68 -0.37
CA PHE A 11 -4.66 22.78 -0.35
C PHE A 11 -4.14 23.10 -1.74
N ALA A 12 -3.77 22.06 -2.49
CA ALA A 12 -3.26 22.27 -3.84
C ALA A 12 -4.32 22.89 -4.74
N SER A 13 -5.56 22.40 -4.66
CA SER A 13 -6.61 22.93 -5.53
C SER A 13 -6.93 24.38 -5.17
N GLY A 14 -6.71 24.79 -3.93
CA GLY A 14 -6.98 26.16 -3.55
C GLY A 14 -5.81 27.13 -3.70
N LEU A 15 -4.60 26.59 -3.80
CA LEU A 15 -3.41 27.44 -3.85
C LEU A 15 -3.34 28.40 -5.02
N PRO A 16 -3.59 28.00 -6.28
CA PRO A 16 -3.27 28.92 -7.40
C PRO A 16 -4.33 29.96 -7.70
N LEU A 17 -5.37 30.11 -6.88
CA LEU A 17 -6.47 30.99 -7.25
C LEU A 17 -6.08 32.46 -7.12
N ALA A 18 -5.39 32.82 -6.04
CA ALA A 18 -5.20 34.23 -5.72
C ALA A 18 -4.16 34.93 -6.59
N LEU A 19 -3.19 34.21 -7.13
CA LEU A 19 -2.09 34.88 -7.82
C LEU A 19 -2.51 35.46 -9.16
N THR A 20 -3.62 35.00 -9.71
CA THR A 20 -4.12 35.55 -10.97
C THR A 20 -5.07 36.72 -10.78
N SER A 21 -5.58 36.93 -9.56
CA SER A 21 -6.56 37.98 -9.29
C SER A 21 -6.05 39.05 -8.34
N GLY A 22 -5.64 38.67 -7.13
CA GLY A 22 -5.34 39.65 -6.09
C GLY A 22 -3.89 40.06 -6.00
N THR A 23 -2.99 39.08 -5.90
CA THR A 23 -1.58 39.40 -5.77
C THR A 23 -1.05 40.08 -7.02
N LEU A 24 -1.51 39.65 -8.19
CA LEU A 24 -1.10 40.30 -9.43
C LEU A 24 -1.55 41.74 -9.48
N GLN A 25 -2.80 42.01 -9.09
CA GLN A 25 -3.29 43.38 -9.07
C GLN A 25 -2.52 44.23 -8.07
N ALA A 26 -2.16 43.65 -6.93
CA ALA A 26 -1.32 44.37 -5.96
C ALA A 26 0.04 44.70 -6.56
N TRP A 27 0.65 43.74 -7.27
CA TRP A 27 1.93 43.97 -7.91
C TRP A 27 1.85 45.09 -8.93
N MET A 28 0.78 45.10 -9.74
CA MET A 28 0.61 46.18 -10.70
C MET A 28 0.41 47.52 -10.01
N THR A 29 -0.40 47.57 -8.96
CA THR A 29 -0.66 48.85 -8.29
C THR A 29 0.59 49.39 -7.63
N VAL A 30 1.44 48.51 -7.09
CA VAL A 30 2.71 48.97 -6.54
C VAL A 30 3.60 49.55 -7.63
N GLU A 31 3.67 48.86 -8.79
CA GLU A 31 4.52 49.32 -9.87
C GLU A 31 3.85 50.35 -10.77
N ASN A 32 2.73 50.93 -10.35
CA ASN A 32 1.97 51.93 -11.10
C ASN A 32 1.50 51.43 -12.46
N ILE A 33 1.01 50.19 -12.55
CA ILE A 33 0.47 49.65 -13.78
C ILE A 33 -1.03 49.42 -13.62
N ASP A 34 -1.81 49.86 -14.61
CA ASP A 34 -3.25 49.78 -14.51
C ASP A 34 -3.79 48.37 -14.69
N LEU A 35 -3.12 47.55 -15.50
CA LEU A 35 -3.60 46.22 -15.88
C LEU A 35 -5.01 46.28 -16.49
N LYS A 36 -5.21 47.17 -17.46
CA LYS A 36 -6.48 47.32 -18.14
C LYS A 36 -6.24 47.41 -19.63
N THR A 37 -7.25 47.01 -20.41
CA THR A 37 -7.25 46.97 -21.87
C THR A 37 -6.07 46.16 -22.41
N ILE A 38 -5.68 45.07 -21.73
CA ILE A 38 -4.57 44.26 -22.21
C ILE A 38 -5.06 43.22 -23.20
N TRP A 39 -6.37 42.96 -23.22
CA TRP A 39 -7.07 42.09 -24.16
C TRP A 39 -6.83 40.60 -23.91
N PHE A 40 -5.88 40.25 -23.04
CA PHE A 40 -5.77 38.86 -22.61
C PHE A 40 -6.49 38.65 -21.29
N PHE A 41 -6.57 39.69 -20.47
CA PHE A 41 -7.22 39.59 -19.18
C PHE A 41 -8.73 39.45 -19.37
N SER A 42 -9.44 39.32 -18.24
CA SER A 42 -10.87 39.05 -18.21
C SER A 42 -11.17 37.68 -18.79
N LEU A 43 -10.12 36.95 -19.17
CA LEU A 43 -10.22 35.53 -19.49
C LEU A 43 -9.65 34.64 -18.39
N VAL A 44 -8.90 35.23 -17.45
CA VAL A 44 -8.45 34.48 -16.29
C VAL A 44 -9.64 34.08 -15.41
N GLY A 45 -10.59 35.00 -15.23
CA GLY A 45 -11.80 34.64 -14.51
C GLY A 45 -12.67 33.65 -15.27
N GLN A 46 -12.70 33.77 -16.60
CA GLN A 46 -13.57 32.92 -17.40
C GLN A 46 -13.08 31.48 -17.50
N ALA A 47 -11.83 31.20 -17.14
CA ALA A 47 -11.36 29.83 -17.12
C ALA A 47 -12.12 29.00 -16.10
N TYR A 48 -12.32 29.54 -14.90
CA TYR A 48 -12.98 28.79 -13.84
C TYR A 48 -14.46 28.61 -14.11
N VAL A 49 -15.10 29.59 -14.74
CA VAL A 49 -16.51 29.46 -15.10
C VAL A 49 -16.69 28.37 -16.16
N PHE A 50 -15.85 28.37 -17.18
CA PHE A 50 -15.98 27.47 -18.32
C PHE A 50 -14.96 26.35 -18.31
N LYS A 51 -14.63 25.81 -17.13
CA LYS A 51 -13.73 24.67 -17.05
C LYS A 51 -14.41 23.37 -17.46
N PHE A 52 -15.75 23.35 -17.50
CA PHE A 52 -16.46 22.15 -17.92
C PHE A 52 -16.31 21.87 -19.40
N LEU A 53 -15.70 22.78 -20.17
CA LEU A 53 -15.64 22.61 -21.61
C LEU A 53 -14.65 21.53 -22.02
N TRP A 54 -13.46 21.52 -21.41
CA TRP A 54 -12.43 20.56 -21.78
C TRP A 54 -12.36 19.39 -20.81
N SER A 55 -13.49 18.96 -20.27
CA SER A 55 -13.56 17.87 -19.32
C SER A 55 -13.45 16.48 -19.95
N PRO A 56 -14.10 16.20 -21.09
CA PRO A 56 -14.07 14.81 -21.59
C PRO A 56 -12.69 14.28 -21.90
N VAL A 57 -11.71 15.16 -22.14
CA VAL A 57 -10.34 14.71 -22.33
C VAL A 57 -9.77 14.08 -21.07
N MET A 58 -10.24 14.50 -19.89
CA MET A 58 -9.69 13.99 -18.64
C MET A 58 -10.08 12.55 -18.36
N ASP A 59 -11.22 12.07 -18.88
CA ASP A 59 -11.63 10.70 -18.68
C ASP A 59 -11.58 9.83 -19.92
N ARG A 60 -11.54 10.43 -21.12
CA ARG A 60 -11.36 9.61 -22.32
C ARG A 60 -9.95 9.06 -22.42
N TYR A 61 -8.95 9.86 -22.05
CA TYR A 61 -7.55 9.50 -22.26
C TYR A 61 -6.93 9.05 -20.96
N THR A 62 -6.26 7.89 -21.00
CA THR A 62 -5.50 7.38 -19.86
C THR A 62 -4.01 7.58 -20.14
N PRO A 63 -3.33 8.48 -19.42
CA PRO A 63 -1.91 8.70 -19.69
C PRO A 63 -1.12 7.45 -19.41
N PRO A 64 0.01 7.24 -20.13
CA PRO A 64 0.78 6.00 -20.02
C PRO A 64 1.72 5.96 -18.82
N PHE A 65 1.20 6.36 -17.66
CA PHE A 65 1.93 6.28 -16.40
C PHE A 65 0.93 6.53 -15.27
N LEU A 66 1.19 5.91 -14.12
CA LEU A 66 0.31 5.96 -12.95
C LEU A 66 -1.06 5.45 -13.40
N GLY A 67 -2.15 6.17 -13.14
CA GLY A 67 -3.46 5.73 -13.57
C GLY A 67 -4.12 6.72 -14.52
N ARG A 68 -5.44 6.84 -14.42
CA ARG A 68 -6.16 7.84 -15.21
C ARG A 68 -6.25 9.15 -14.44
N ARG A 69 -6.48 9.07 -13.13
CA ARG A 69 -6.61 10.28 -12.33
C ARG A 69 -5.25 10.82 -11.90
N ARG A 70 -4.41 9.93 -11.36
CA ARG A 70 -3.14 10.38 -10.79
C ARG A 70 -2.19 10.90 -11.84
N GLY A 71 -2.14 10.26 -13.01
CA GLY A 71 -1.27 10.76 -14.08
C GLY A 71 -1.66 12.16 -14.52
N TRP A 72 -2.95 12.38 -14.73
CA TRP A 72 -3.43 13.72 -15.08
C TRP A 72 -3.09 14.72 -13.98
N LEU A 73 -3.25 14.31 -12.71
CA LEU A 73 -2.93 15.22 -11.62
C LEU A 73 -1.47 15.64 -11.66
N VAL A 74 -0.55 14.69 -11.84
CA VAL A 74 0.87 15.02 -11.84
C VAL A 74 1.22 15.91 -13.03
N THR A 75 0.68 15.62 -14.21
CA THR A 75 0.98 16.47 -15.36
C THR A 75 0.47 17.89 -15.14
N THR A 76 -0.76 18.02 -14.65
CA THR A 76 -1.31 19.36 -14.41
C THR A 76 -0.48 20.10 -13.38
N GLN A 77 -0.07 19.41 -12.31
CA GLN A 77 0.67 20.10 -11.25
C GLN A 77 2.05 20.53 -11.72
N ILE A 78 2.75 19.69 -12.48
CA ILE A 78 4.07 20.08 -12.95
C ILE A 78 3.97 21.21 -13.96
N LEU A 79 2.93 21.20 -14.80
CA LEU A 79 2.70 22.33 -15.69
C LEU A 79 2.47 23.61 -14.89
N LEU A 80 1.70 23.51 -13.80
CA LEU A 80 1.47 24.67 -12.93
C LEU A 80 2.76 25.18 -12.32
N LEU A 81 3.63 24.28 -11.85
CA LEU A 81 4.89 24.73 -11.26
C LEU A 81 5.75 25.45 -12.28
N ILE A 82 5.86 24.90 -13.49
CA ILE A 82 6.66 25.56 -14.51
C ILE A 82 6.08 26.93 -14.84
N ALA A 83 4.75 27.01 -14.98
CA ALA A 83 4.13 28.29 -15.31
C ALA A 83 4.34 29.32 -14.20
N ILE A 84 4.20 28.91 -12.94
CA ILE A 84 4.34 29.85 -11.82
C ILE A 84 5.78 30.33 -11.72
N ALA A 85 6.75 29.43 -11.89
CA ALA A 85 8.15 29.85 -11.86
C ALA A 85 8.45 30.82 -13.00
N ALA A 86 7.89 30.55 -14.19
CA ALA A 86 8.06 31.49 -15.30
C ALA A 86 7.46 32.85 -14.97
N MET A 87 6.28 32.85 -14.34
CA MET A 87 5.65 34.11 -13.95
C MET A 87 6.53 34.88 -12.99
N GLY A 88 7.13 34.18 -12.02
CA GLY A 88 8.07 34.82 -11.12
C GLY A 88 9.26 35.41 -11.85
N PHE A 89 9.78 34.69 -12.85
CA PHE A 89 10.97 35.16 -13.55
C PHE A 89 10.65 36.37 -14.43
N LEU A 90 9.46 36.40 -15.01
CA LEU A 90 9.08 37.53 -15.86
C LEU A 90 9.06 38.82 -15.06
N GLU A 91 9.56 39.90 -15.67
CA GLU A 91 9.68 41.19 -15.00
C GLU A 91 8.90 42.25 -15.77
N PRO A 92 7.76 42.71 -15.24
CA PRO A 92 6.99 43.76 -15.91
C PRO A 92 7.62 45.14 -15.83
N GLY A 93 8.90 45.24 -15.45
CA GLY A 93 9.52 46.55 -15.37
C GLY A 93 9.57 47.26 -16.71
N THR A 94 9.96 46.55 -17.78
CA THR A 94 10.04 47.18 -19.08
C THR A 94 8.65 47.49 -19.65
N GLN A 95 7.76 46.51 -19.62
CA GLN A 95 6.38 46.68 -20.06
C GLN A 95 5.56 45.51 -19.58
N LEU A 96 4.25 45.57 -19.81
CA LEU A 96 3.35 44.53 -19.33
C LEU A 96 3.71 43.16 -19.89
N ARG A 97 4.21 43.14 -21.13
CA ARG A 97 4.63 41.91 -21.81
C ARG A 97 3.42 40.98 -21.91
N TRP A 98 3.63 39.67 -21.92
CA TRP A 98 2.56 38.69 -22.00
C TRP A 98 2.15 38.19 -20.63
N MET A 99 2.23 39.05 -19.60
CA MET A 99 1.94 38.63 -18.24
C MET A 99 0.49 38.14 -18.12
N ALA A 100 -0.44 38.81 -18.79
CA ALA A 100 -1.81 38.34 -18.81
C ALA A 100 -1.92 37.00 -19.53
N ALA A 101 -1.10 36.78 -20.57
CA ALA A 101 -1.12 35.50 -21.26
C ALA A 101 -0.68 34.37 -20.33
N LEU A 102 0.40 34.60 -19.57
CA LEU A 102 0.83 33.60 -18.61
C LEU A 102 -0.23 33.38 -17.53
N ALA A 103 -0.91 34.46 -17.13
CA ALA A 103 -1.98 34.33 -16.15
C ALA A 103 -3.11 33.46 -16.69
N VAL A 104 -3.44 33.63 -17.97
CA VAL A 104 -4.48 32.80 -18.59
C VAL A 104 -4.04 31.34 -18.60
N VAL A 105 -2.77 31.09 -18.92
CA VAL A 105 -2.27 29.71 -18.93
C VAL A 105 -2.38 29.10 -17.54
N ILE A 106 -2.00 29.87 -16.51
CA ILE A 106 -2.06 29.36 -15.13
C ILE A 106 -3.50 29.10 -14.73
N ALA A 107 -4.42 29.98 -15.14
CA ALA A 107 -5.83 29.76 -14.83
C ALA A 107 -6.34 28.48 -15.45
N PHE A 108 -5.95 28.22 -16.70
CA PHE A 108 -6.38 26.99 -17.36
C PHE A 108 -5.83 25.76 -16.64
N CYS A 109 -4.56 25.80 -16.25
CA CYS A 109 -3.96 24.68 -15.53
C CYS A 109 -4.66 24.46 -14.19
N SER A 110 -4.97 25.54 -13.47
CA SER A 110 -5.65 25.41 -12.18
C SER A 110 -7.04 24.81 -12.33
N ALA A 111 -7.79 25.25 -13.36
CA ALA A 111 -9.10 24.67 -13.60
C ALA A 111 -9.01 23.18 -13.91
N SER A 112 -7.99 22.79 -14.69
CA SER A 112 -7.80 21.36 -14.97
C SER A 112 -7.49 20.59 -13.70
N GLN A 113 -6.65 21.15 -12.83
CA GLN A 113 -6.37 20.51 -11.55
C GLN A 113 -7.63 20.33 -10.73
N ASP A 114 -8.49 21.35 -10.71
CA ASP A 114 -9.75 21.24 -9.99
C ASP A 114 -10.60 20.09 -10.52
N ILE A 115 -10.70 19.99 -11.85
CA ILE A 115 -11.51 18.92 -12.45
C ILE A 115 -10.98 17.57 -12.01
N VAL A 116 -9.67 17.35 -12.16
CA VAL A 116 -9.11 16.03 -11.91
C VAL A 116 -9.18 15.69 -10.42
N PHE A 117 -8.96 16.67 -9.55
CA PHE A 117 -9.04 16.42 -8.12
C PHE A 117 -10.45 16.05 -7.70
N ASP A 118 -11.46 16.75 -8.24
CA ASP A 118 -12.84 16.38 -7.92
C ASP A 118 -13.15 14.96 -8.40
N ALA A 119 -12.70 14.61 -9.60
CA ALA A 119 -12.94 13.26 -10.12
C ALA A 119 -12.29 12.20 -9.24
N TRP A 120 -11.05 12.44 -8.81
CA TRP A 120 -10.37 11.47 -7.94
C TRP A 120 -11.07 11.34 -6.59
N LYS A 121 -11.50 12.47 -6.02
CA LYS A 121 -12.25 12.42 -4.77
C LYS A 121 -13.51 11.58 -4.93
N THR A 122 -14.24 11.78 -6.03
CA THR A 122 -15.44 10.99 -6.27
C THR A 122 -15.10 9.51 -6.40
N ASP A 123 -13.99 9.20 -7.05
CA ASP A 123 -13.67 7.80 -7.34
C ASP A 123 -13.22 7.04 -6.09
N VAL A 124 -12.41 7.65 -5.24
CA VAL A 124 -11.70 6.89 -4.21
C VAL A 124 -12.54 6.73 -2.94
N LEU A 125 -13.33 7.73 -2.57
CA LEU A 125 -13.95 7.73 -1.24
C LEU A 125 -15.09 6.71 -1.17
N PRO A 126 -15.23 6.03 -0.04
CA PRO A 126 -16.37 5.13 0.17
C PRO A 126 -17.63 5.90 0.54
N ALA A 127 -18.73 5.17 0.68
CA ALA A 127 -20.02 5.81 0.90
C ALA A 127 -20.06 6.53 2.24
N GLU A 128 -19.47 5.94 3.27
CA GLU A 128 -19.55 6.53 4.61
C GLU A 128 -18.62 7.73 4.75
N GLU A 129 -17.47 7.70 4.07
CA GLU A 129 -16.46 8.74 4.26
C GLU A 129 -16.66 9.93 3.34
N ARG A 130 -17.77 10.00 2.62
CA ARG A 130 -17.98 11.08 1.66
C ARG A 130 -18.06 12.44 2.36
N GLY A 131 -18.80 12.50 3.46
CA GLY A 131 -18.91 13.73 4.22
C GLY A 131 -17.61 14.18 4.86
N THR A 132 -16.88 13.24 5.45
CA THR A 132 -15.58 13.56 6.05
C THR A 132 -14.61 14.07 4.98
N GLY A 133 -14.58 13.40 3.82
CA GLY A 133 -13.70 13.84 2.76
C GLY A 133 -14.07 15.22 2.25
N ALA A 134 -15.36 15.48 2.07
CA ALA A 134 -15.80 16.80 1.64
C ALA A 134 -15.41 17.86 2.65
N ALA A 135 -15.61 17.59 3.94
CA ALA A 135 -15.27 18.56 4.97
C ALA A 135 -13.78 18.85 5.00
N ILE A 136 -12.95 17.82 4.90
CA ILE A 136 -11.50 18.02 4.96
C ILE A 136 -11.01 18.74 3.72
N SER A 137 -11.56 18.42 2.56
CA SER A 137 -11.19 19.13 1.33
C SER A 137 -11.58 20.59 1.39
N VAL A 138 -12.77 20.88 1.93
CA VAL A 138 -13.18 22.28 2.10
C VAL A 138 -12.24 22.99 3.04
N LEU A 139 -11.87 22.33 4.14
CA LEU A 139 -10.92 22.91 5.09
C LEU A 139 -9.60 23.24 4.40
N GLY A 140 -9.10 22.31 3.60
CA GLY A 140 -7.84 22.53 2.91
C GLY A 140 -7.93 23.68 1.91
N TYR A 141 -9.05 23.78 1.21
CA TYR A 141 -9.19 24.83 0.21
C TYR A 141 -9.28 26.21 0.87
N ARG A 142 -10.02 26.31 1.98
CA ARG A 142 -10.07 27.57 2.71
C ARG A 142 -8.71 27.92 3.27
N LEU A 143 -7.96 26.92 3.73
CA LEU A 143 -6.59 27.17 4.18
C LEU A 143 -5.71 27.69 3.05
N GLY A 144 -5.88 27.14 1.85
CA GLY A 144 -5.14 27.62 0.70
C GLY A 144 -5.46 29.06 0.36
N MET A 145 -6.75 29.40 0.39
CA MET A 145 -7.14 30.78 0.18
C MET A 145 -6.51 31.69 1.24
N LEU A 146 -6.52 31.24 2.49
CA LEU A 146 -5.97 32.06 3.58
C LEU A 146 -4.48 32.30 3.39
N VAL A 147 -3.72 31.25 3.04
CA VAL A 147 -2.27 31.42 2.91
C VAL A 147 -1.93 32.24 1.68
N SER A 148 -2.64 32.04 0.56
CA SER A 148 -2.36 32.81 -0.64
C SER A 148 -2.75 34.27 -0.53
N GLY A 149 -3.87 34.58 0.13
CA GLY A 149 -4.36 35.94 0.19
C GLY A 149 -3.52 36.88 1.01
N GLY A 150 -3.40 36.61 2.32
CA GLY A 150 -2.75 37.53 3.20
C GLY A 150 -1.32 37.18 3.59
N LEU A 151 -1.07 35.91 3.93
CA LEU A 151 0.23 35.53 4.48
C LEU A 151 1.32 35.73 3.45
N ALA A 152 1.12 35.22 2.24
CA ALA A 152 2.14 35.35 1.20
C ALA A 152 2.35 36.80 0.81
N LEU A 153 1.26 37.58 0.75
CA LEU A 153 1.39 38.99 0.42
C LEU A 153 2.21 39.74 1.46
N TRP A 154 1.95 39.47 2.75
CA TRP A 154 2.74 40.09 3.80
C TRP A 154 4.20 39.67 3.71
N MET A 155 4.45 38.37 3.48
CA MET A 155 5.82 37.89 3.39
C MET A 155 6.57 38.54 2.23
N ALA A 156 5.89 38.70 1.08
CA ALA A 156 6.51 39.39 -0.04
C ALA A 156 6.75 40.86 0.29
N ASP A 157 5.85 41.47 1.05
CA ASP A 157 6.02 42.87 1.42
C ASP A 157 7.25 43.06 2.31
N LYS A 158 7.46 42.16 3.27
CA LYS A 158 8.48 42.40 4.29
C LYS A 158 9.82 41.73 3.96
N TRP A 159 9.80 40.41 3.72
CA TRP A 159 11.03 39.64 3.67
C TRP A 159 11.37 39.13 2.27
N LEU A 160 10.46 38.38 1.64
CA LEU A 160 10.81 37.69 0.41
C LEU A 160 10.81 38.63 -0.80
N GLY A 161 9.66 39.21 -1.11
CA GLY A 161 9.53 40.05 -2.28
C GLY A 161 8.71 39.41 -3.38
N TRP A 162 8.28 40.25 -4.32
CA TRP A 162 7.51 39.77 -5.46
C TRP A 162 8.29 38.75 -6.27
N GLN A 163 9.62 38.90 -6.33
CA GLN A 163 10.42 37.96 -7.10
C GLN A 163 10.38 36.57 -6.49
N GLY A 164 10.55 36.46 -5.17
CA GLY A 164 10.64 35.17 -4.53
C GLY A 164 9.31 34.56 -4.11
N MET A 165 8.23 35.34 -4.14
CA MET A 165 6.94 34.82 -3.68
C MET A 165 6.47 33.64 -4.51
N TYR A 166 6.56 33.75 -5.84
CA TYR A 166 6.06 32.68 -6.70
C TYR A 166 6.93 31.43 -6.60
N TRP A 167 8.24 31.59 -6.47
CA TRP A 167 9.10 30.43 -6.19
C TRP A 167 8.71 29.78 -4.88
N LEU A 168 8.36 30.59 -3.87
CA LEU A 168 7.89 30.01 -2.61
C LEU A 168 6.63 29.18 -2.83
N MET A 169 5.68 29.69 -3.61
CA MET A 169 4.45 28.94 -3.84
C MET A 169 4.71 27.64 -4.61
N ALA A 170 5.63 27.67 -5.58
CA ALA A 170 5.99 26.45 -6.29
C ALA A 170 6.63 25.44 -5.34
N ALA A 171 7.53 25.92 -4.47
CA ALA A 171 8.16 25.02 -3.51
C ALA A 171 7.15 24.45 -2.54
N LEU A 172 6.07 25.20 -2.26
CA LEU A 172 5.00 24.68 -1.41
C LEU A 172 4.11 23.69 -2.15
N LEU A 173 4.00 23.83 -3.48
CA LEU A 173 3.20 22.89 -4.24
C LEU A 173 3.92 21.56 -4.44
N VAL A 174 5.25 21.58 -4.45
CA VAL A 174 6.02 20.34 -4.65
C VAL A 174 5.63 19.24 -3.66
N PRO A 175 5.57 19.50 -2.34
CA PRO A 175 5.22 18.40 -1.42
C PRO A 175 3.90 17.76 -1.73
N CYS A 176 2.92 18.52 -2.22
CA CYS A 176 1.67 17.91 -2.62
C CYS A 176 1.87 17.05 -3.87
N ILE A 177 2.85 17.37 -4.70
CA ILE A 177 3.17 16.51 -5.84
C ILE A 177 3.65 15.14 -5.36
N ILE A 178 4.57 15.10 -4.39
CA ILE A 178 4.95 13.79 -3.89
C ILE A 178 3.78 13.15 -3.14
N ALA A 179 2.90 13.97 -2.56
CA ALA A 179 1.73 13.43 -1.87
C ALA A 179 0.81 12.69 -2.84
N THR A 180 0.54 13.28 -4.01
CA THR A 180 -0.34 12.62 -4.98
C THR A 180 0.39 11.48 -5.66
N LEU A 181 1.71 11.54 -5.73
CA LEU A 181 2.48 10.37 -6.16
C LEU A 181 2.28 9.21 -5.20
N LEU A 182 2.17 9.52 -3.90
CA LEU A 182 1.94 8.50 -2.89
C LEU A 182 0.45 8.16 -2.73
N ALA A 183 -0.43 8.91 -3.38
CA ALA A 183 -1.86 8.76 -3.17
C ALA A 183 -2.36 7.44 -3.74
N PRO A 184 -3.47 6.92 -3.22
CA PRO A 184 -4.05 5.70 -3.79
C PRO A 184 -4.65 5.96 -5.17
N GLU A 185 -4.79 4.88 -5.93
CA GLU A 185 -5.37 4.93 -7.26
C GLU A 185 -6.60 4.04 -7.32
N PRO A 186 -7.74 4.53 -7.81
CA PRO A 186 -8.94 3.69 -7.89
C PRO A 186 -8.83 2.63 -8.99
N SER A 187 -9.91 1.91 -9.21
CA SER A 187 -9.98 0.89 -10.24
C SER A 187 -10.89 1.34 -11.36
N ALA A 188 -10.43 1.14 -12.59
CA ALA A 188 -11.23 1.46 -13.78
C ALA A 188 -10.93 0.39 -14.81
N ASP A 189 -11.88 -0.52 -15.03
CA ASP A 189 -11.58 -1.73 -15.78
C ASP A 189 -12.24 -1.78 -17.16
N LEU A 190 -13.57 -1.77 -17.25
CA LEU A 190 -14.19 -2.42 -18.40
C LEU A 190 -13.84 -1.80 -19.75
N ALA A 191 -14.20 -0.55 -19.98
CA ALA A 191 -13.97 0.05 -21.30
C ALA A 191 -12.49 0.13 -21.63
N ASP A 192 -11.68 0.55 -20.66
CA ASP A 192 -10.24 0.68 -20.89
C ASP A 192 -9.59 -0.68 -21.15
N ASN A 193 -10.03 -1.69 -20.40
CA ASN A 193 -9.47 -3.03 -20.55
C ASN A 193 -9.83 -3.62 -21.90
N TRP A 194 -11.07 -3.42 -22.36
CA TRP A 194 -11.42 -3.93 -23.68
C TRP A 194 -10.73 -3.13 -24.77
N GLU A 195 -10.43 -1.86 -24.51
CA GLU A 195 -9.66 -1.07 -25.47
C GLU A 195 -8.23 -1.58 -25.62
N THR A 196 -7.56 -1.90 -24.51
CA THR A 196 -6.20 -2.46 -24.65
C THR A 196 -6.25 -3.85 -25.25
N LEU A 197 -7.30 -4.63 -24.94
CA LEU A 197 -7.52 -5.90 -25.62
C LEU A 197 -7.52 -5.71 -27.13
N ASN A 198 -8.33 -4.77 -27.62
CA ASN A 198 -8.47 -4.58 -29.05
C ASN A 198 -7.19 -4.04 -29.67
N ASP A 199 -6.50 -3.14 -28.97
CA ASP A 199 -5.24 -2.62 -29.50
C ASP A 199 -4.22 -3.74 -29.71
N ASN A 200 -4.04 -4.59 -28.69
CA ASN A 200 -3.07 -5.66 -28.84
C ASN A 200 -3.52 -6.72 -29.85
N LEU A 201 -4.83 -6.94 -29.97
CA LEU A 201 -5.33 -7.86 -30.98
C LEU A 201 -5.03 -7.35 -32.39
N LYS A 202 -5.19 -6.04 -32.61
CA LYS A 202 -4.85 -5.48 -33.91
C LYS A 202 -3.35 -5.51 -34.16
N VAL A 203 -2.54 -5.34 -33.10
CA VAL A 203 -1.10 -5.51 -33.24
C VAL A 203 -0.71 -6.94 -33.61
N ILE A 204 -1.45 -7.93 -33.11
CA ILE A 204 -1.22 -9.33 -33.49
C ILE A 204 -1.40 -9.55 -34.99
N GLU A 205 -2.37 -8.90 -35.63
CA GLU A 205 -2.57 -9.01 -37.06
C GLU A 205 -1.37 -8.55 -37.88
N LYS A 206 -0.66 -7.51 -37.43
CA LYS A 206 0.54 -7.02 -38.10
C LYS A 206 1.80 -7.74 -37.64
N ALA A 207 1.67 -8.65 -36.69
CA ALA A 207 2.84 -9.29 -36.07
C ALA A 207 3.57 -10.13 -37.12
N ASP A 208 4.86 -9.80 -37.30
CA ASP A 208 5.70 -10.51 -38.26
C ASP A 208 7.02 -11.01 -37.70
N ASN A 209 7.53 -10.44 -36.61
CA ASN A 209 8.87 -10.76 -36.10
C ASN A 209 8.87 -11.91 -35.09
N ALA A 210 7.72 -12.59 -34.92
CA ALA A 210 7.61 -13.86 -34.21
C ALA A 210 7.80 -13.71 -32.71
N ALA A 211 8.09 -12.51 -32.23
CA ALA A 211 8.29 -12.29 -30.81
C ALA A 211 7.22 -11.41 -30.19
N GLN A 212 6.60 -10.51 -30.96
CA GLN A 212 5.53 -9.68 -30.41
C GLN A 212 4.17 -10.34 -30.45
N VAL A 213 4.06 -11.59 -30.91
CA VAL A 213 2.84 -12.36 -30.69
C VAL A 213 2.71 -12.72 -29.22
N LYS A 214 3.80 -13.18 -28.60
CA LYS A 214 3.76 -13.64 -27.22
C LYS A 214 3.42 -12.49 -26.26
N ASP A 215 4.15 -11.38 -26.35
CA ASP A 215 3.94 -10.27 -25.42
C ASP A 215 2.55 -9.66 -25.61
N ALA A 216 2.11 -9.53 -26.87
CA ALA A 216 0.76 -9.06 -27.12
C ALA A 216 -0.27 -9.97 -26.48
N LEU A 217 -0.11 -11.29 -26.65
CA LEU A 217 -1.09 -12.22 -26.12
C LEU A 217 -1.08 -12.21 -24.59
N THR A 218 0.08 -11.98 -23.98
CA THR A 218 0.14 -11.80 -22.53
C THR A 218 -0.64 -10.58 -22.08
N LYS A 219 -0.49 -9.46 -22.78
CA LYS A 219 -1.27 -8.26 -22.45
C LYS A 219 -2.77 -8.54 -22.57
N MET A 220 -3.18 -9.20 -23.65
CA MET A 220 -4.59 -9.52 -23.81
C MET A 220 -5.09 -10.42 -22.68
N ARG A 221 -4.28 -11.39 -22.26
CA ARG A 221 -4.75 -12.30 -21.22
C ARG A 221 -4.90 -11.59 -19.88
N ALA A 222 -3.94 -10.76 -19.49
CA ALA A 222 -4.08 -10.01 -18.26
C ALA A 222 -5.32 -9.11 -18.31
N ALA A 223 -5.53 -8.43 -19.45
CA ALA A 223 -6.69 -7.56 -19.58
C ALA A 223 -8.00 -8.36 -19.49
N ALA A 224 -8.06 -9.53 -20.11
CA ALA A 224 -9.28 -10.33 -20.07
C ALA A 224 -9.58 -10.80 -18.65
N LEU A 225 -8.54 -11.23 -17.92
CA LEU A 225 -8.77 -11.64 -16.53
C LEU A 225 -9.26 -10.46 -15.68
N ASP A 226 -8.67 -9.28 -15.87
CA ASP A 226 -9.15 -8.11 -15.13
C ASP A 226 -10.60 -7.78 -15.47
N ALA A 227 -10.94 -7.78 -16.76
CA ALA A 227 -12.28 -7.39 -17.17
C ALA A 227 -13.32 -8.46 -16.87
N GLN A 228 -12.88 -9.67 -16.51
CA GLN A 228 -13.85 -10.71 -16.16
C GLN A 228 -14.63 -10.34 -14.91
N LYS A 229 -13.95 -9.80 -13.89
CA LYS A 229 -14.61 -9.54 -12.61
C LYS A 229 -15.36 -8.21 -12.56
N ALA A 230 -15.10 -7.29 -13.47
CA ALA A 230 -15.82 -6.03 -13.50
C ALA A 230 -17.24 -6.25 -14.01
N THR A 231 -18.10 -5.25 -13.80
CA THR A 231 -19.48 -5.35 -14.24
C THR A 231 -19.71 -4.45 -15.45
N PRO A 232 -20.57 -4.85 -16.38
CA PRO A 232 -20.80 -4.03 -17.58
C PRO A 232 -21.87 -2.98 -17.32
N PRO A 233 -21.95 -1.95 -18.16
CA PRO A 233 -23.09 -1.03 -18.07
C PRO A 233 -24.39 -1.73 -18.40
N LYS A 234 -25.47 -1.25 -17.77
CA LYS A 234 -26.82 -1.81 -17.78
C LYS A 234 -26.93 -3.08 -16.95
N LEU A 235 -25.82 -3.60 -16.43
CA LEU A 235 -25.84 -4.70 -15.49
C LEU A 235 -25.31 -4.29 -14.12
N GLU A 236 -25.16 -2.99 -13.86
CA GLU A 236 -24.61 -2.54 -12.59
C GLU A 236 -25.49 -2.94 -11.41
N ASP A 237 -26.81 -2.80 -11.57
CA ASP A 237 -27.72 -3.16 -10.49
C ASP A 237 -27.84 -4.67 -10.30
N LYS A 238 -27.60 -5.45 -11.34
CA LYS A 238 -27.67 -6.92 -11.23
C LYS A 238 -26.27 -7.47 -10.97
N SER A 239 -25.68 -6.98 -9.88
CA SER A 239 -24.33 -7.34 -9.50
C SER A 239 -24.23 -8.66 -8.76
N PRO A 240 -25.12 -8.95 -7.76
CA PRO A 240 -24.89 -10.18 -6.95
C PRO A 240 -25.24 -11.49 -7.64
N ASP A 241 -24.31 -11.95 -8.48
CA ASP A 241 -24.42 -13.24 -9.16
C ASP A 241 -25.74 -13.33 -9.91
N SER A 242 -25.82 -12.63 -11.03
CA SER A 242 -26.99 -12.74 -11.87
C SER A 242 -26.70 -13.66 -13.06
N PRO A 243 -27.73 -14.27 -13.67
CA PRO A 243 -27.48 -15.09 -14.87
C PRO A 243 -26.76 -14.35 -15.99
N GLU A 244 -27.09 -13.07 -16.21
CA GLU A 244 -26.39 -12.31 -17.24
C GLU A 244 -24.92 -12.10 -16.85
N MET A 245 -24.68 -11.84 -15.58
CA MET A 245 -23.30 -11.82 -15.09
C MET A 245 -22.60 -13.16 -15.29
N LYS A 246 -23.34 -14.27 -15.11
CA LYS A 246 -22.75 -15.58 -15.34
C LYS A 246 -22.38 -15.78 -16.80
N ASP A 247 -23.22 -15.31 -17.72
CA ASP A 247 -22.89 -15.41 -19.14
C ASP A 247 -21.71 -14.51 -19.50
N PHE A 248 -21.63 -13.34 -18.88
CA PHE A 248 -20.47 -12.48 -19.02
C PHE A 248 -19.20 -13.22 -18.63
N ARG A 249 -19.25 -13.89 -17.48
CA ARG A 249 -18.11 -14.68 -17.00
C ARG A 249 -17.79 -15.82 -17.96
N HIS A 250 -18.82 -16.50 -18.47
CA HIS A 250 -18.63 -17.62 -19.39
C HIS A 250 -17.95 -17.18 -20.67
N GLY A 251 -18.39 -16.05 -21.24
CA GLY A 251 -17.75 -15.55 -22.44
C GLY A 251 -16.31 -15.18 -22.22
N PHE A 252 -16.00 -14.49 -21.12
CA PHE A 252 -14.60 -14.15 -20.87
C PHE A 252 -13.79 -15.40 -20.59
N ASP A 253 -14.42 -16.44 -20.05
CA ASP A 253 -13.78 -17.72 -19.82
C ASP A 253 -13.30 -18.34 -21.13
N ILE A 254 -14.22 -18.40 -22.11
CA ILE A 254 -13.85 -18.93 -23.43
C ILE A 254 -12.79 -18.07 -24.09
N LEU A 255 -12.88 -16.74 -23.92
CA LEU A 255 -11.89 -15.85 -24.52
C LEU A 255 -10.49 -16.15 -24.00
N VAL A 256 -10.36 -16.28 -22.67
CA VAL A 256 -9.05 -16.62 -22.12
C VAL A 256 -8.61 -17.99 -22.59
N GLY A 257 -9.53 -18.93 -22.77
CA GLY A 257 -9.15 -20.23 -23.29
C GLY A 257 -8.52 -20.15 -24.68
N GLN A 258 -9.14 -19.37 -25.57
CA GLN A 258 -8.58 -19.20 -26.91
C GLN A 258 -7.23 -18.48 -26.87
N ILE A 259 -7.08 -17.52 -25.95
CA ILE A 259 -5.78 -16.87 -25.79
C ILE A 259 -4.72 -17.88 -25.38
N ASP A 260 -5.05 -18.80 -24.47
CA ASP A 260 -4.09 -19.83 -24.06
C ASP A 260 -3.74 -20.74 -25.24
N ASP A 261 -4.73 -21.09 -26.05
CA ASP A 261 -4.45 -21.92 -27.22
C ASP A 261 -3.47 -21.25 -28.17
N ALA A 262 -3.72 -19.98 -28.50
CA ALA A 262 -2.81 -19.25 -29.38
C ALA A 262 -1.43 -19.11 -28.76
N LEU A 263 -1.36 -18.88 -27.45
CA LEU A 263 -0.08 -18.77 -26.77
C LEU A 263 0.67 -20.09 -26.78
N LYS A 264 -0.06 -21.21 -26.69
CA LYS A 264 0.56 -22.53 -26.80
C LYS A 264 1.18 -22.71 -28.18
N LEU A 265 0.47 -22.29 -29.22
CA LEU A 265 1.04 -22.36 -30.57
C LEU A 265 2.28 -21.47 -30.70
N ALA A 266 2.24 -20.25 -30.16
CA ALA A 266 3.36 -19.32 -30.32
C ALA A 266 4.57 -19.73 -29.50
N ASN A 267 4.37 -20.46 -28.41
CA ASN A 267 5.52 -20.95 -27.66
C ASN A 267 6.25 -22.06 -28.41
N GLU A 268 5.59 -22.67 -29.40
CA GLU A 268 6.18 -23.72 -30.21
C GLU A 268 6.97 -23.18 -31.38
N GLY A 269 7.05 -21.86 -31.54
CA GLY A 269 7.76 -21.26 -32.66
C GLY A 269 6.91 -20.98 -33.87
N LYS A 270 5.68 -21.48 -33.92
CA LYS A 270 4.79 -21.21 -35.03
C LYS A 270 4.32 -19.77 -34.99
N VAL A 271 4.04 -19.20 -36.15
CA VAL A 271 3.49 -17.84 -36.24
C VAL A 271 2.18 -17.86 -37.01
N LYS A 272 2.18 -18.53 -38.17
CA LYS A 272 1.01 -18.49 -39.05
C LYS A 272 -0.20 -19.12 -38.39
N GLU A 273 0.00 -20.25 -37.70
CA GLU A 273 -1.11 -20.87 -36.98
C GLU A 273 -1.49 -20.05 -35.75
N ALA A 274 -0.52 -19.35 -35.15
CA ALA A 274 -0.86 -18.40 -34.10
C ALA A 274 -1.73 -17.27 -34.64
N GLN A 275 -1.42 -16.77 -35.83
CA GLN A 275 -2.24 -15.74 -36.45
C GLN A 275 -3.63 -16.27 -36.74
N ALA A 276 -3.73 -17.51 -37.22
CA ALA A 276 -5.05 -18.11 -37.46
C ALA A 276 -5.85 -18.26 -36.17
N ALA A 277 -5.16 -18.62 -35.07
CA ALA A 277 -5.81 -18.68 -33.77
C ALA A 277 -6.34 -17.33 -33.32
N ALA A 278 -5.57 -16.26 -33.51
CA ALA A 278 -6.07 -14.93 -33.19
C ALA A 278 -7.23 -14.54 -34.10
N GLU A 279 -7.20 -14.97 -35.37
CA GLU A 279 -8.33 -14.73 -36.26
C GLU A 279 -9.59 -15.44 -35.75
N GLN A 280 -9.44 -16.67 -35.26
CA GLN A 280 -10.57 -17.38 -34.67
C GLN A 280 -11.08 -16.68 -33.43
N LEU A 281 -10.15 -16.14 -32.63
CA LEU A 281 -10.54 -15.34 -31.46
C LEU A 281 -11.40 -14.16 -31.89
N LYS A 282 -10.99 -13.47 -32.95
CA LYS A 282 -11.75 -12.33 -33.46
C LYS A 282 -13.09 -12.77 -34.03
N THR A 283 -13.14 -13.95 -34.63
CA THR A 283 -14.41 -14.45 -35.18
C THR A 283 -15.40 -14.76 -34.07
N THR A 284 -14.95 -15.44 -33.01
CA THR A 284 -15.83 -15.72 -31.88
C THR A 284 -16.17 -14.44 -31.13
N ARG A 285 -15.33 -13.41 -31.27
CA ARG A 285 -15.65 -12.08 -30.76
C ARG A 285 -16.92 -11.53 -31.38
N ASN A 286 -17.08 -11.67 -32.70
CA ASN A 286 -18.22 -11.11 -33.42
C ASN A 286 -19.54 -11.77 -33.07
N ALA A 287 -19.53 -12.95 -32.47
CA ALA A 287 -20.76 -13.69 -32.25
C ALA A 287 -21.58 -13.06 -31.13
N TYR A 288 -22.63 -13.74 -30.68
CA TYR A 288 -23.59 -13.12 -29.77
C TYR A 288 -23.03 -13.00 -28.37
N ILE A 289 -21.88 -13.63 -28.08
CA ILE A 289 -21.27 -13.47 -26.78
C ILE A 289 -20.94 -12.01 -26.53
N GLN A 290 -20.66 -11.27 -27.60
CA GLN A 290 -20.49 -9.82 -27.53
C GLN A 290 -21.84 -9.22 -27.20
N LYS A 291 -22.02 -8.90 -25.92
CA LYS A 291 -23.24 -8.26 -25.46
C LYS A 291 -23.00 -6.86 -24.92
N TYR A 292 -21.82 -6.61 -24.36
CA TYR A 292 -21.48 -5.34 -23.74
C TYR A 292 -20.10 -4.93 -24.22
N LEU A 293 -19.91 -3.64 -24.47
CA LEU A 293 -18.61 -3.11 -24.83
C LEU A 293 -18.52 -1.68 -24.31
N GLY A 294 -17.51 -0.95 -24.77
CA GLY A 294 -17.18 0.35 -24.21
C GLY A 294 -17.49 1.51 -25.15
N VAL A 295 -17.34 2.71 -24.61
CA VAL A 295 -17.52 3.96 -25.34
C VAL A 295 -16.35 4.33 -26.26
N PRO A 296 -15.05 4.06 -25.91
CA PRO A 296 -13.97 4.68 -26.69
C PRO A 296 -13.81 4.10 -28.09
N ARG A 297 -12.77 4.59 -28.78
CA ARG A 297 -12.36 4.37 -30.17
C ARG A 297 -13.03 5.35 -31.14
N THR A 298 -13.94 6.20 -30.68
CA THR A 298 -14.51 7.24 -31.53
C THR A 298 -14.41 8.60 -30.83
N LEU A 299 -14.33 9.66 -31.63
CA LEU A 299 -14.25 11.00 -31.06
C LEU A 299 -15.59 11.47 -30.51
N GLU A 300 -16.68 11.17 -31.23
CA GLU A 300 -17.99 11.66 -30.83
C GLU A 300 -18.43 11.06 -29.49
N GLN A 301 -18.06 9.80 -29.23
CA GLN A 301 -18.47 9.15 -28.00
C GLN A 301 -17.83 9.80 -26.79
N ALA A 302 -16.57 10.20 -26.89
CA ALA A 302 -15.87 10.81 -25.77
C ALA A 302 -16.62 12.02 -25.22
N VAL A 303 -17.37 12.71 -26.07
CA VAL A 303 -18.15 13.86 -25.66
C VAL A 303 -19.59 13.47 -25.32
N VAL A 304 -20.20 12.60 -26.12
CA VAL A 304 -21.62 12.36 -25.97
C VAL A 304 -21.93 11.41 -24.81
N ALA A 305 -20.98 10.56 -24.43
CA ALA A 305 -21.27 9.49 -23.47
C ALA A 305 -21.70 9.99 -22.09
N PRO A 306 -20.97 10.91 -21.44
CA PRO A 306 -21.41 11.34 -20.09
C PRO A 306 -22.80 11.95 -20.08
N LEU A 307 -23.14 12.74 -21.09
CA LEU A 307 -24.46 13.37 -21.13
C LEU A 307 -25.55 12.33 -21.25
N ARG A 308 -25.38 11.35 -22.15
CA ARG A 308 -26.37 10.29 -22.29
C ARG A 308 -26.45 9.44 -21.02
N ASP A 309 -25.32 9.22 -20.36
CA ASP A 309 -25.33 8.50 -19.09
C ASP A 309 -26.21 9.23 -18.07
N PHE A 310 -25.96 10.52 -17.87
CA PHE A 310 -26.68 11.25 -16.84
C PHE A 310 -28.15 11.40 -17.19
N PHE A 311 -28.46 11.76 -18.42
CA PHE A 311 -29.83 12.04 -18.82
C PHE A 311 -30.58 10.80 -19.25
N GLY A 312 -29.98 9.62 -19.15
CA GLY A 312 -30.74 8.39 -19.31
C GLY A 312 -31.27 7.85 -18.00
N ARG A 313 -30.78 8.37 -16.88
CA ARG A 313 -31.21 7.86 -15.58
C ARG A 313 -32.65 8.25 -15.30
N ASN A 314 -33.15 7.75 -14.17
CA ASN A 314 -34.38 8.24 -13.57
C ASN A 314 -34.00 9.16 -12.42
N ASN A 315 -34.82 10.20 -12.20
CA ASN A 315 -34.59 11.28 -11.23
C ASN A 315 -33.58 12.31 -11.74
N ALA A 316 -33.30 12.23 -13.04
CA ALA A 316 -32.29 13.08 -13.67
C ALA A 316 -32.65 14.56 -13.64
N TRP A 317 -33.93 14.90 -13.76
CA TRP A 317 -34.32 16.31 -13.79
C TRP A 317 -34.61 16.84 -12.39
N LEU A 318 -35.19 16.02 -11.52
CA LEU A 318 -35.42 16.43 -10.14
C LEU A 318 -34.12 16.72 -9.42
N ILE A 319 -33.09 15.90 -9.69
CA ILE A 319 -31.77 16.17 -9.13
C ILE A 319 -31.23 17.49 -9.66
N LEU A 320 -31.49 17.78 -10.94
CA LEU A 320 -31.07 19.05 -11.53
C LEU A 320 -31.71 20.23 -10.81
N LEU A 321 -33.03 20.14 -10.57
CA LEU A 321 -33.73 21.21 -9.86
C LEU A 321 -33.23 21.34 -8.42
N LEU A 322 -32.97 20.21 -7.77
CA LEU A 322 -32.43 20.27 -6.41
C LEU A 322 -31.08 20.97 -6.39
N ILE A 323 -30.21 20.67 -7.34
CA ILE A 323 -28.89 21.29 -7.38
C ILE A 323 -29.02 22.78 -7.67
N VAL A 324 -29.95 23.16 -8.55
CA VAL A 324 -30.09 24.58 -8.90
C VAL A 324 -30.50 25.39 -7.68
N LEU A 325 -31.49 24.91 -6.92
CA LEU A 325 -32.05 25.66 -5.79
C LEU A 325 -32.02 24.79 -4.53
N TYR A 326 -30.87 24.77 -3.86
CA TYR A 326 -30.77 24.15 -2.54
C TYR A 326 -30.14 25.10 -1.54
N LYS A 327 -29.15 25.88 -1.98
CA LYS A 327 -28.49 26.87 -1.13
C LYS A 327 -28.91 28.28 -1.52
N LEU A 328 -30.17 28.47 -1.90
CA LEU A 328 -30.65 29.79 -2.30
C LEU A 328 -30.67 30.75 -1.12
N GLY A 329 -31.08 30.28 0.06
CA GLY A 329 -31.17 31.16 1.21
C GLY A 329 -29.83 31.72 1.63
N ASP A 330 -28.79 30.90 1.59
CA ASP A 330 -27.45 31.40 1.93
C ASP A 330 -26.98 32.44 0.93
N ALA A 331 -27.26 32.24 -0.35
CA ALA A 331 -26.91 33.25 -1.35
C ALA A 331 -27.66 34.55 -1.11
N PHE A 332 -28.95 34.47 -0.79
CA PHE A 332 -29.74 35.68 -0.54
C PHE A 332 -29.23 36.41 0.69
N ALA A 333 -28.81 35.69 1.72
CA ALA A 333 -28.26 36.34 2.90
C ALA A 333 -26.91 37.00 2.59
N MET A 334 -26.01 36.26 1.95
CA MET A 334 -24.65 36.72 1.71
C MET A 334 -24.64 37.89 0.73
N SER A 335 -25.61 37.96 -0.19
CA SER A 335 -25.59 38.97 -1.23
C SER A 335 -25.55 40.38 -0.64
N LEU A 336 -26.21 40.60 0.51
CA LEU A 336 -26.32 41.93 1.08
C LEU A 336 -26.10 41.97 2.59
N THR A 337 -25.51 40.93 3.18
CA THR A 337 -25.21 40.99 4.62
C THR A 337 -24.33 42.19 4.97
N THR A 338 -23.27 42.45 4.20
CA THR A 338 -22.34 43.51 4.56
C THR A 338 -22.95 44.89 4.31
N THR A 339 -23.72 45.05 3.24
CA THR A 339 -24.44 46.28 3.01
C THR A 339 -25.42 46.55 4.14
N PHE A 340 -26.10 45.50 4.62
CA PHE A 340 -26.99 45.64 5.76
C PHE A 340 -26.23 46.10 7.00
N LEU A 341 -25.09 45.49 7.27
CA LEU A 341 -24.33 45.86 8.47
C LEU A 341 -23.75 47.26 8.36
N ILE A 342 -23.52 47.77 7.16
CA ILE A 342 -22.93 49.10 7.00
C ILE A 342 -24.00 50.19 7.05
N ARG A 343 -25.12 49.98 6.33
CA ARG A 343 -26.13 51.02 6.18
C ARG A 343 -27.38 50.73 7.00
N GLY A 344 -27.84 49.48 6.99
CA GLY A 344 -29.03 49.13 7.75
C GLY A 344 -28.85 49.20 9.26
N VAL A 345 -27.63 48.99 9.73
CA VAL A 345 -27.27 49.18 11.14
C VAL A 345 -26.03 50.05 11.19
N GLY A 346 -25.88 50.81 12.28
CA GLY A 346 -24.77 51.74 12.41
C GLY A 346 -23.50 51.12 12.94
N PHE A 347 -22.78 50.39 12.09
CA PHE A 347 -21.54 49.75 12.48
C PHE A 347 -20.40 50.22 11.60
N ASP A 348 -19.20 50.29 12.19
CA ASP A 348 -18.01 50.63 11.43
C ASP A 348 -17.67 49.52 10.46
N ALA A 349 -17.07 49.89 9.32
CA ALA A 349 -16.76 48.89 8.30
C ALA A 349 -15.59 48.00 8.69
N GLY A 350 -14.52 48.58 9.24
CA GLY A 350 -13.28 47.82 9.39
C GLY A 350 -13.37 46.70 10.41
N GLU A 351 -13.60 47.05 11.68
CA GLU A 351 -13.62 46.03 12.73
C GLU A 351 -14.75 45.03 12.52
N VAL A 352 -15.92 45.52 12.11
CA VAL A 352 -17.06 44.63 11.89
C VAL A 352 -16.77 43.67 10.75
N GLY A 353 -16.18 44.18 9.66
CA GLY A 353 -15.81 43.30 8.56
C GLY A 353 -14.80 42.25 8.96
N MET A 354 -13.80 42.65 9.75
CA MET A 354 -12.76 41.70 10.16
C MET A 354 -13.33 40.64 11.10
N VAL A 355 -14.20 41.05 12.03
CA VAL A 355 -14.79 40.08 12.95
C VAL A 355 -15.74 39.15 12.20
N ASN A 356 -16.44 39.68 11.20
CA ASN A 356 -17.27 38.82 10.36
C ASN A 356 -16.43 37.82 9.59
N LYS A 357 -15.29 38.28 9.06
CA LYS A 357 -14.37 37.37 8.38
C LYS A 357 -13.97 36.22 9.28
N THR A 358 -13.47 36.55 10.48
CA THR A 358 -12.97 35.51 11.39
C THR A 358 -14.10 34.58 11.82
N LEU A 359 -15.24 35.15 12.23
CA LEU A 359 -16.34 34.33 12.71
C LEU A 359 -16.91 33.45 11.61
N GLY A 360 -17.07 33.99 10.40
CA GLY A 360 -17.56 33.18 9.30
C GLY A 360 -16.62 32.04 8.96
N TRP A 361 -15.31 32.33 8.90
CA TRP A 361 -14.32 31.31 8.63
C TRP A 361 -14.44 30.16 9.65
N ILE A 362 -14.34 30.51 10.93
CA ILE A 362 -14.32 29.47 11.96
C ILE A 362 -15.66 28.73 12.01
N ALA A 363 -16.76 29.47 11.93
CA ALA A 363 -18.08 28.86 12.04
C ALA A 363 -18.37 27.91 10.88
N THR A 364 -18.02 28.30 9.66
CA THR A 364 -18.26 27.41 8.53
C THR A 364 -17.37 26.17 8.61
N ILE A 365 -16.14 26.31 9.08
CA ILE A 365 -15.29 25.12 9.24
C ILE A 365 -15.88 24.17 10.27
N ILE A 366 -16.32 24.72 11.42
CA ILE A 366 -16.89 23.88 12.46
C ILE A 366 -18.16 23.21 11.98
N GLY A 367 -19.02 23.96 11.29
CA GLY A 367 -20.24 23.38 10.80
C GLY A 367 -20.00 22.27 9.80
N ALA A 368 -19.04 22.46 8.89
CA ALA A 368 -18.70 21.41 7.93
C ALA A 368 -18.19 20.16 8.64
N LEU A 369 -17.29 20.32 9.62
CA LEU A 369 -16.74 19.16 10.31
C LEU A 369 -17.81 18.41 11.10
N TYR A 370 -18.65 19.15 11.83
CA TYR A 370 -19.70 18.50 12.61
C TYR A 370 -20.69 17.79 11.69
N GLY A 371 -21.04 18.41 10.56
CA GLY A 371 -21.89 17.75 9.61
C GLY A 371 -21.26 16.51 9.02
N GLY A 372 -19.95 16.55 8.78
CA GLY A 372 -19.27 15.36 8.28
C GLY A 372 -19.32 14.21 9.25
N VAL A 373 -19.07 14.50 10.54
CA VAL A 373 -19.13 13.44 11.56
C VAL A 373 -20.55 12.88 11.68
N LEU A 374 -21.55 13.77 11.76
CA LEU A 374 -22.92 13.30 11.88
C LEU A 374 -23.35 12.49 10.67
N MET A 375 -22.91 12.90 9.47
CA MET A 375 -23.26 12.15 8.27
C MET A 375 -22.53 10.81 8.22
N GLN A 376 -21.33 10.75 8.80
CA GLN A 376 -20.69 9.45 9.00
C GLN A 376 -21.53 8.58 9.91
N ARG A 377 -22.25 9.18 10.86
CA ARG A 377 -23.09 8.42 11.76
C ARG A 377 -24.54 8.29 11.30
N LEU A 378 -24.92 8.90 10.17
CA LEU A 378 -26.31 8.94 9.73
C LEU A 378 -26.42 8.66 8.24
N SER A 379 -27.65 8.56 7.77
CA SER A 379 -27.91 8.47 6.34
C SER A 379 -27.79 9.82 5.68
N LEU A 380 -27.74 9.82 4.35
CA LEU A 380 -27.56 11.08 3.62
C LEU A 380 -28.85 11.90 3.59
N PHE A 381 -29.98 11.27 3.37
CA PHE A 381 -31.23 12.02 3.21
C PHE A 381 -31.63 12.71 4.50
N ARG A 382 -31.55 12.00 5.63
CA ARG A 382 -31.92 12.61 6.91
C ARG A 382 -31.01 13.77 7.26
N ALA A 383 -29.70 13.62 7.02
CA ALA A 383 -28.78 14.71 7.29
C ALA A 383 -29.02 15.90 6.38
N LEU A 384 -29.32 15.64 5.10
CA LEU A 384 -29.67 16.73 4.19
C LEU A 384 -30.89 17.47 4.68
N LEU A 385 -31.92 16.74 5.11
CA LEU A 385 -33.14 17.37 5.58
C LEU A 385 -32.90 18.21 6.83
N ILE A 386 -32.19 17.64 7.80
CA ILE A 386 -31.90 18.37 9.05
C ILE A 386 -31.11 19.64 8.75
N PHE A 387 -30.08 19.52 7.92
CA PHE A 387 -29.20 20.65 7.67
C PHE A 387 -29.88 21.72 6.83
N GLY A 388 -30.71 21.32 5.88
CA GLY A 388 -31.48 22.30 5.13
C GLY A 388 -32.45 23.07 6.01
N ILE A 389 -33.13 22.36 6.92
CA ILE A 389 -34.04 23.05 7.85
C ILE A 389 -33.24 24.00 8.74
N LEU A 390 -32.09 23.56 9.24
CA LEU A 390 -31.30 24.41 10.12
C LEU A 390 -30.79 25.66 9.40
N GLN A 391 -30.29 25.51 8.17
CA GLN A 391 -29.78 26.67 7.45
C GLN A 391 -30.90 27.59 7.00
N GLY A 392 -32.11 27.06 6.81
CA GLY A 392 -33.25 27.92 6.56
C GLY A 392 -33.65 28.72 7.78
N VAL A 393 -33.69 28.07 8.94
CA VAL A 393 -34.07 28.75 10.18
C VAL A 393 -33.04 29.77 10.63
N SER A 394 -31.75 29.49 10.43
CA SER A 394 -30.72 30.38 10.96
C SER A 394 -30.73 31.76 10.32
N ASN A 395 -31.31 31.89 9.12
CA ASN A 395 -31.37 33.19 8.46
C ASN A 395 -32.16 34.20 9.28
N ALA A 396 -33.08 33.73 10.12
CA ALA A 396 -33.95 34.63 10.89
C ALA A 396 -33.18 35.40 11.95
N GLY A 397 -31.94 35.03 12.21
CA GLY A 397 -31.12 35.82 13.10
C GLY A 397 -30.98 37.26 12.63
N TYR A 398 -30.90 37.45 11.31
CA TYR A 398 -30.75 38.81 10.79
C TYR A 398 -32.04 39.62 10.93
N TRP A 399 -33.20 38.98 10.78
CA TRP A 399 -34.45 39.67 11.07
C TRP A 399 -34.50 40.07 12.54
N LEU A 400 -34.08 39.16 13.42
CA LEU A 400 -33.99 39.46 14.85
C LEU A 400 -33.06 40.64 15.10
N LEU A 401 -31.91 40.68 14.42
CA LEU A 401 -30.99 41.80 14.58
C LEU A 401 -31.63 43.10 14.11
N SER A 402 -32.28 43.07 12.95
CA SER A 402 -32.78 44.31 12.35
C SER A 402 -33.92 44.89 13.18
N ILE A 403 -34.68 44.05 13.89
CA ILE A 403 -35.73 44.60 14.75
C ILE A 403 -35.17 44.98 16.12
N THR A 404 -34.09 44.34 16.55
CA THR A 404 -33.59 44.53 17.92
C THR A 404 -32.63 45.72 17.99
N ASP A 405 -32.01 45.89 19.15
CA ASP A 405 -31.12 47.02 19.41
C ASP A 405 -29.79 46.83 18.66
N LYS A 406 -28.80 47.65 19.03
CA LYS A 406 -27.57 47.78 18.25
C LYS A 406 -26.35 47.23 18.99
N HIS A 407 -26.49 46.11 19.71
CA HIS A 407 -25.36 45.54 20.42
C HIS A 407 -24.53 44.63 19.49
N LEU A 408 -23.23 44.61 19.72
CA LEU A 408 -22.33 43.85 18.85
C LEU A 408 -22.44 42.36 19.12
N MET A 409 -22.73 41.97 20.37
CA MET A 409 -22.78 40.55 20.70
C MET A 409 -23.87 39.82 19.93
N SER A 410 -25.04 40.45 19.78
CA SER A 410 -26.12 39.83 19.03
C SER A 410 -25.72 39.60 17.57
N MET A 411 -25.07 40.59 16.96
CA MET A 411 -24.62 40.45 15.58
C MET A 411 -23.59 39.33 15.46
N ALA A 412 -22.66 39.25 16.42
CA ALA A 412 -21.66 38.20 16.37
C ALA A 412 -22.30 36.82 16.49
N VAL A 413 -23.27 36.68 17.39
CA VAL A 413 -23.93 35.39 17.58
C VAL A 413 -24.69 34.99 16.32
N ALA A 414 -25.43 35.94 15.73
CA ALA A 414 -26.19 35.63 14.52
C ALA A 414 -25.25 35.22 13.38
N VAL A 415 -24.14 35.95 13.22
CA VAL A 415 -23.20 35.62 12.15
C VAL A 415 -22.60 34.23 12.37
N PHE A 416 -22.21 33.92 13.60
CA PHE A 416 -21.63 32.63 13.89
C PHE A 416 -22.61 31.50 13.57
N PHE A 417 -23.86 31.67 14.00
CA PHE A 417 -24.86 30.63 13.75
C PHE A 417 -25.10 30.44 12.25
N GLU A 418 -25.22 31.55 11.51
CA GLU A 418 -25.51 31.45 10.08
C GLU A 418 -24.37 30.75 9.35
N ASN A 419 -23.13 31.10 9.68
CA ASN A 419 -22.01 30.47 8.99
C ASN A 419 -21.85 29.00 9.40
N LEU A 420 -22.19 28.65 10.64
CA LEU A 420 -22.16 27.24 11.04
C LEU A 420 -23.15 26.43 10.21
N CYS A 421 -24.39 26.90 10.10
CA CYS A 421 -25.39 26.17 9.31
C CYS A 421 -24.98 26.11 7.84
N GLY A 422 -24.36 27.19 7.34
CA GLY A 422 -23.85 27.17 5.98
C GLY A 422 -22.81 26.09 5.76
N GLY A 423 -21.88 25.95 6.71
CA GLY A 423 -20.89 24.88 6.59
C GLY A 423 -21.50 23.50 6.60
N MET A 424 -22.50 23.29 7.46
CA MET A 424 -23.20 22.00 7.49
C MET A 424 -23.83 21.68 6.14
N GLY A 425 -24.57 22.64 5.59
CA GLY A 425 -25.19 22.44 4.30
C GLY A 425 -24.19 22.21 3.20
N THR A 426 -23.05 22.91 3.26
CA THR A 426 -22.00 22.73 2.26
C THR A 426 -21.46 21.32 2.27
N ALA A 427 -21.17 20.78 3.46
CA ALA A 427 -20.67 19.41 3.54
C ALA A 427 -21.68 18.42 2.98
N ALA A 428 -22.96 18.57 3.35
CA ALA A 428 -23.98 17.65 2.85
C ALA A 428 -24.13 17.77 1.33
N PHE A 429 -24.04 18.99 0.80
CA PHE A 429 -24.19 19.21 -0.64
C PHE A 429 -23.05 18.56 -1.42
N VAL A 430 -21.80 18.74 -0.95
CA VAL A 430 -20.69 18.12 -1.65
C VAL A 430 -20.79 16.60 -1.57
N ALA A 431 -21.28 16.07 -0.44
CA ALA A 431 -21.48 14.63 -0.36
C ALA A 431 -22.50 14.14 -1.38
N LEU A 432 -23.59 14.88 -1.54
CA LEU A 432 -24.58 14.51 -2.56
C LEU A 432 -23.98 14.54 -3.96
N LEU A 433 -23.19 15.58 -4.24
CA LEU A 433 -22.58 15.70 -5.56
C LEU A 433 -21.63 14.55 -5.84
N MET A 434 -20.81 14.17 -4.87
CA MET A 434 -19.90 13.03 -5.06
C MET A 434 -20.68 11.73 -5.18
N THR A 435 -21.84 11.63 -4.52
CA THR A 435 -22.68 10.44 -4.69
C THR A 435 -23.20 10.33 -6.12
N LEU A 436 -23.61 11.45 -6.71
CA LEU A 436 -24.37 11.41 -7.96
C LEU A 436 -23.56 11.00 -9.18
N CYS A 437 -22.23 10.93 -9.09
CA CYS A 437 -21.41 10.72 -10.28
C CYS A 437 -21.39 9.24 -10.66
N ASN A 438 -20.47 8.86 -11.56
CA ASN A 438 -20.47 7.55 -12.18
C ASN A 438 -19.15 6.80 -12.11
N LYS A 439 -18.03 7.46 -11.78
CA LYS A 439 -16.71 6.86 -11.64
C LYS A 439 -16.11 6.43 -12.97
N SER A 440 -16.89 6.49 -14.05
CA SER A 440 -16.39 6.35 -15.40
C SER A 440 -16.34 7.69 -16.11
N PHE A 441 -17.39 8.49 -16.00
CA PHE A 441 -17.45 9.85 -16.48
C PHE A 441 -17.60 10.82 -15.30
N SER A 442 -16.83 10.60 -14.25
CA SER A 442 -16.98 11.39 -13.03
C SER A 442 -16.55 12.83 -13.24
N ALA A 443 -15.47 13.05 -13.99
CA ALA A 443 -14.93 14.41 -14.15
C ALA A 443 -15.93 15.32 -14.84
N THR A 444 -16.44 14.90 -15.99
CA THR A 444 -17.38 15.71 -16.75
C THR A 444 -18.66 15.97 -15.96
N GLN A 445 -19.22 14.92 -15.35
CA GLN A 445 -20.48 15.07 -14.63
C GLN A 445 -20.33 15.95 -13.41
N PHE A 446 -19.25 15.77 -12.64
CA PHE A 446 -19.05 16.61 -11.47
C PHE A 446 -18.84 18.07 -11.87
N ALA A 447 -18.06 18.32 -12.93
CA ALA A 447 -17.85 19.70 -13.35
C ALA A 447 -19.15 20.35 -13.80
N LEU A 448 -19.95 19.62 -14.59
CA LEU A 448 -21.23 20.17 -15.02
C LEU A 448 -22.16 20.44 -13.85
N LEU A 449 -22.20 19.53 -12.87
CA LEU A 449 -23.08 19.73 -11.71
C LEU A 449 -22.63 20.92 -10.87
N SER A 450 -21.33 21.08 -10.66
CA SER A 450 -20.85 22.22 -9.90
C SER A 450 -21.15 23.54 -10.60
N ALA A 451 -20.93 23.60 -11.92
CA ALA A 451 -21.27 24.81 -12.65
C ALA A 451 -22.76 25.10 -12.59
N LEU A 452 -23.57 24.05 -12.66
CA LEU A 452 -25.02 24.22 -12.58
C LEU A 452 -25.43 24.75 -11.21
N SER A 453 -24.78 24.29 -10.15
CA SER A 453 -25.07 24.82 -8.82
C SER A 453 -24.72 26.29 -8.73
N ALA A 454 -23.57 26.69 -9.29
CA ALA A 454 -23.18 28.10 -9.24
C ALA A 454 -24.07 28.98 -10.11
N VAL A 455 -24.67 28.43 -11.15
CA VAL A 455 -25.53 29.21 -12.04
C VAL A 455 -26.70 29.81 -11.27
N GLY A 456 -27.34 29.01 -10.43
CA GLY A 456 -28.44 29.53 -9.63
C GLY A 456 -28.02 30.61 -8.65
N ARG A 457 -26.78 30.55 -8.15
CA ARG A 457 -26.27 31.54 -7.23
C ARG A 457 -25.91 32.85 -7.93
N VAL A 458 -25.57 32.80 -9.22
CA VAL A 458 -25.08 34.00 -9.89
C VAL A 458 -26.15 35.09 -9.91
N TYR A 459 -27.39 34.75 -10.26
CA TYR A 459 -28.43 35.75 -10.48
C TYR A 459 -29.26 35.97 -9.21
N VAL A 460 -28.63 36.63 -8.24
CA VAL A 460 -29.28 36.95 -6.98
C VAL A 460 -29.13 38.44 -6.68
N GLY A 461 -28.10 39.06 -7.26
CA GLY A 461 -27.76 40.43 -6.98
C GLY A 461 -28.88 41.43 -7.22
N PRO A 462 -29.31 41.57 -8.47
CA PRO A 462 -30.32 42.59 -8.78
C PRO A 462 -31.62 42.44 -8.00
N ILE A 463 -32.12 41.21 -7.85
CA ILE A 463 -33.39 41.01 -7.15
C ILE A 463 -33.24 41.35 -5.67
N ALA A 464 -32.14 40.92 -5.05
CA ALA A 464 -31.90 41.25 -3.65
C ALA A 464 -31.79 42.75 -3.44
N GLY A 465 -31.07 43.43 -4.34
CA GLY A 465 -30.94 44.88 -4.23
C GLY A 465 -32.27 45.59 -4.39
N TRP A 466 -33.07 45.15 -5.37
CA TRP A 466 -34.37 45.80 -5.57
C TRP A 466 -35.27 45.59 -4.37
N PHE A 467 -35.31 44.36 -3.84
CA PHE A 467 -36.15 44.09 -2.68
C PHE A 467 -35.70 44.89 -1.47
N VAL A 468 -34.39 44.97 -1.22
CA VAL A 468 -33.91 45.68 -0.04
C VAL A 468 -34.12 47.18 -0.19
N GLU A 469 -34.10 47.70 -1.42
CA GLU A 469 -34.29 49.13 -1.61
C GLU A 469 -35.76 49.50 -1.74
N ALA A 470 -36.64 48.50 -1.88
CA ALA A 470 -38.06 48.80 -2.05
C ALA A 470 -38.84 48.62 -0.76
N HIS A 471 -38.59 47.52 -0.04
CA HIS A 471 -39.45 47.14 1.07
C HIS A 471 -38.75 47.18 2.43
N GLY A 472 -37.43 47.16 2.48
CA GLY A 472 -36.69 47.27 3.72
C GLY A 472 -35.90 46.01 4.02
N TRP A 473 -35.18 46.08 5.14
CA TRP A 473 -34.30 44.99 5.57
C TRP A 473 -35.01 43.87 6.32
N PRO A 474 -35.85 44.15 7.35
CA PRO A 474 -36.52 43.04 8.03
C PRO A 474 -37.44 42.24 7.13
N THR A 475 -38.16 42.91 6.23
CA THR A 475 -38.97 42.19 5.25
C THR A 475 -38.09 41.37 4.32
N PHE A 476 -36.95 41.93 3.91
CA PHE A 476 -36.04 41.19 3.04
C PHE A 476 -35.56 39.91 3.71
N TYR A 477 -35.22 39.99 5.00
CA TYR A 477 -34.70 38.80 5.68
C TYR A 477 -35.80 37.81 6.04
N LEU A 478 -37.02 38.27 6.33
CA LEU A 478 -38.13 37.33 6.45
C LEU A 478 -38.37 36.60 5.13
N PHE A 479 -38.29 37.32 4.01
CA PHE A 479 -38.38 36.68 2.70
C PHE A 479 -37.26 35.66 2.50
N SER A 480 -36.03 36.02 2.89
CA SER A 480 -34.90 35.11 2.74
C SER A 480 -35.10 33.84 3.55
N VAL A 481 -35.68 33.96 4.74
CA VAL A 481 -36.05 32.79 5.52
C VAL A 481 -37.09 31.97 4.77
N PHE A 482 -38.09 32.64 4.19
CA PHE A 482 -39.17 31.92 3.51
C PHE A 482 -38.69 31.32 2.19
N ALA A 483 -37.49 31.68 1.75
CA ALA A 483 -36.99 31.19 0.47
C ALA A 483 -36.33 29.82 0.54
N ALA A 484 -36.08 29.29 1.73
CA ALA A 484 -35.37 28.01 1.86
C ALA A 484 -36.30 26.82 1.85
N VAL A 485 -37.59 27.04 1.60
CA VAL A 485 -38.59 25.97 1.60
C VAL A 485 -38.55 25.15 0.30
N PRO A 486 -38.36 25.75 -0.89
CA PRO A 486 -38.30 24.91 -2.11
C PRO A 486 -37.23 23.83 -2.09
N GLY A 487 -36.04 24.11 -1.53
CA GLY A 487 -35.02 23.08 -1.44
C GLY A 487 -35.45 21.91 -0.58
N ILE A 488 -36.07 22.20 0.57
CA ILE A 488 -36.56 21.16 1.45
C ILE A 488 -37.66 20.35 0.76
N LEU A 489 -38.54 21.03 0.03
CA LEU A 489 -39.59 20.33 -0.69
C LEU A 489 -38.98 19.38 -1.73
N LEU A 490 -37.95 19.83 -2.44
CA LEU A 490 -37.29 18.96 -3.41
C LEU A 490 -36.64 17.76 -2.72
N LEU A 491 -36.01 17.98 -1.57
CA LEU A 491 -35.41 16.87 -0.84
C LEU A 491 -36.47 15.85 -0.42
N LEU A 492 -37.62 16.32 0.05
CA LEU A 492 -38.66 15.41 0.49
C LEU A 492 -39.37 14.73 -0.68
N ILE A 493 -39.35 15.35 -1.86
CA ILE A 493 -39.99 14.74 -3.03
C ILE A 493 -39.23 13.52 -3.51
N CYS A 494 -37.90 13.58 -3.50
CA CYS A 494 -37.09 12.54 -4.13
C CYS A 494 -36.28 11.74 -3.13
N ARG A 495 -36.89 11.34 -2.01
CA ARG A 495 -36.22 10.52 -1.02
C ARG A 495 -36.12 9.04 -1.42
N LYS A 496 -37.08 8.56 -2.21
CA LYS A 496 -37.07 7.15 -2.62
C LYS A 496 -35.85 6.83 -3.47
N THR A 497 -35.54 7.69 -4.44
CA THR A 497 -34.37 7.46 -5.28
C THR A 497 -33.10 7.54 -4.45
N LEU A 498 -33.05 8.46 -3.50
CA LEU A 498 -31.87 8.59 -2.64
C LEU A 498 -31.66 7.32 -1.82
N GLU A 499 -32.73 6.75 -1.26
CA GLU A 499 -32.54 5.53 -0.47
C GLU A 499 -32.22 4.34 -1.35
N TYR A 500 -32.78 4.30 -2.56
CA TYR A 500 -32.43 3.24 -3.49
C TYR A 500 -30.95 3.27 -3.83
N THR A 501 -30.42 4.47 -4.09
CA THR A 501 -28.99 4.58 -4.37
C THR A 501 -28.15 4.30 -3.13
N GLN A 502 -28.66 4.65 -1.94
CA GLN A 502 -27.93 4.33 -0.72
C GLN A 502 -27.82 2.82 -0.53
N GLN A 503 -28.89 2.09 -0.83
CA GLN A 503 -28.89 0.64 -0.64
C GLN A 503 -28.13 -0.08 -1.74
N THR A 504 -28.60 0.03 -2.99
CA THR A 504 -28.06 -0.81 -4.06
C THR A 504 -26.77 -0.25 -4.64
N GLU A 505 -26.45 1.01 -4.36
CA GLU A 505 -25.25 1.72 -4.81
C GLU A 505 -25.25 1.94 -6.32
N SER A 506 -26.35 1.69 -7.02
CA SER A 506 -26.40 1.84 -8.46
C SER A 506 -27.63 2.66 -8.85
N PHE A 507 -27.46 3.55 -9.81
CA PHE A 507 -28.58 4.33 -10.31
C PHE A 507 -29.40 3.50 -11.29
N MET A 508 -30.70 3.76 -11.32
CA MET A 508 -31.58 3.01 -12.19
C MET A 508 -31.54 3.58 -13.61
N MET A 509 -32.37 3.02 -14.48
CA MET A 509 -32.45 3.42 -15.88
C MET A 509 -33.90 3.72 -16.21
N ARG A 510 -34.15 4.86 -16.85
CA ARG A 510 -35.52 5.19 -17.21
C ARG A 510 -35.96 4.43 -18.44
N ARG A 511 -37.22 3.97 -18.42
CA ARG A 511 -37.79 3.30 -19.59
C ARG A 511 -39.21 3.74 -19.93
N HIS A 512 -39.98 4.31 -19.01
CA HIS A 512 -41.36 4.62 -19.29
C HIS A 512 -41.49 5.92 -20.08
N PHE A 513 -42.74 6.25 -20.41
CA PHE A 513 -43.12 7.50 -21.06
C PHE A 513 -42.62 7.58 -22.50
N SER A 514 -43.16 8.55 -23.24
CA SER A 514 -42.88 8.69 -24.66
C SER A 514 -41.53 9.40 -24.86
N GLY A 515 -41.25 9.81 -26.09
CA GLY A 515 -40.01 10.48 -26.40
C GLY A 515 -40.04 11.96 -26.04
N ALA A 516 -40.84 12.33 -25.05
CA ALA A 516 -40.88 13.72 -24.60
C ALA A 516 -39.56 14.12 -23.94
N TYR A 517 -38.85 13.15 -23.34
CA TYR A 517 -37.51 13.45 -22.82
C TYR A 517 -36.59 13.91 -23.95
N GLN A 518 -36.72 13.30 -25.13
CA GLN A 518 -35.95 13.76 -26.28
C GLN A 518 -36.31 15.19 -26.67
N PHE A 519 -37.59 15.55 -26.61
CA PHE A 519 -37.99 16.91 -26.95
C PHE A 519 -37.41 17.90 -25.93
N ALA A 520 -37.42 17.53 -24.65
CA ALA A 520 -36.81 18.38 -23.64
C ALA A 520 -35.30 18.52 -23.86
N LEU A 521 -34.64 17.42 -24.23
CA LEU A 521 -33.22 17.49 -24.54
C LEU A 521 -32.96 18.40 -25.73
N TYR A 522 -33.83 18.35 -26.73
CA TYR A 522 -33.68 19.24 -27.88
C TYR A 522 -33.85 20.70 -27.47
N LEU A 523 -34.80 20.97 -26.59
CA LEU A 523 -34.98 22.33 -26.07
C LEU A 523 -33.73 22.80 -25.35
N LEU A 524 -33.15 21.93 -24.51
CA LEU A 524 -31.95 22.31 -23.78
C LEU A 524 -30.77 22.55 -24.72
N LEU A 525 -30.63 21.71 -25.74
CA LEU A 525 -29.54 21.88 -26.71
C LEU A 525 -29.71 23.18 -27.50
N LEU A 526 -30.94 23.49 -27.89
CA LEU A 526 -31.19 24.75 -28.59
C LEU A 526 -30.87 25.95 -27.70
N GLY A 527 -31.25 25.88 -26.43
CA GLY A 527 -30.92 26.95 -25.51
C GLY A 527 -29.42 27.12 -25.34
N CYS A 528 -28.70 26.00 -25.24
CA CYS A 528 -27.25 26.07 -25.12
C CYS A 528 -26.61 26.67 -26.36
N LEU A 529 -27.11 26.31 -27.54
CA LEU A 529 -26.59 26.90 -28.78
C LEU A 529 -26.87 28.40 -28.84
N LEU A 530 -28.07 28.81 -28.41
CA LEU A 530 -28.38 30.23 -28.37
C LEU A 530 -27.45 30.97 -27.40
N LEU A 531 -27.17 30.36 -26.25
CA LEU A 531 -26.23 30.97 -25.31
C LEU A 531 -24.84 31.07 -25.90
N ALA A 532 -24.40 30.04 -26.63
CA ALA A 532 -23.09 30.09 -27.28
C ALA A 532 -23.04 31.19 -28.33
N LEU A 533 -24.11 31.33 -29.12
CA LEU A 533 -24.16 32.39 -30.12
C LEU A 533 -24.13 33.77 -29.45
N TRP A 534 -24.85 33.92 -28.34
CA TRP A 534 -24.83 35.17 -27.60
C TRP A 534 -23.45 35.48 -27.05
N LEU A 535 -22.75 34.46 -26.55
CA LEU A 535 -21.40 34.67 -26.04
C LEU A 535 -20.44 35.07 -27.16
N ILE A 536 -20.57 34.45 -28.32
CA ILE A 536 -19.73 34.84 -29.46
C ILE A 536 -20.04 36.27 -29.90
N MET A 537 -21.33 36.64 -29.89
CA MET A 537 -21.70 38.02 -30.23
C MET A 537 -21.12 39.00 -29.22
N LEU A 538 -21.14 38.65 -27.93
CA LEU A 538 -20.54 39.53 -26.93
C LEU A 538 -19.03 39.64 -27.12
N ALA A 539 -18.39 38.53 -27.49
CA ALA A 539 -16.95 38.57 -27.76
C ALA A 539 -16.64 39.48 -28.94
N LEU A 540 -17.47 39.43 -29.97
CA LEU A 540 -17.29 40.34 -31.12
C LEU A 540 -17.60 41.78 -30.72
N ASN A 541 -18.55 41.98 -29.81
CA ASN A 541 -18.86 43.33 -29.33
C ASN A 541 -17.73 43.88 -28.47
N ALA A 542 -16.92 42.99 -27.87
CA ALA A 542 -15.84 43.43 -27.02
C ALA A 542 -14.82 44.26 -27.80
N ILE A 543 -14.74 44.06 -29.11
CA ILE A 543 -13.83 44.84 -29.95
C ILE A 543 -14.33 46.26 -30.17
N ASP A 544 -15.55 46.56 -29.72
CA ASP A 544 -16.19 47.88 -29.77
C ASP A 544 -16.47 48.36 -31.18
N TYR A 545 -16.49 47.48 -32.18
CA TYR A 545 -16.80 47.90 -33.53
C TYR A 545 -18.27 48.26 -33.67
N THR A 546 -19.16 47.40 -33.17
CA THR A 546 -20.59 47.64 -33.24
C THR A 546 -21.24 47.12 -31.96
N SER A 547 -22.26 47.84 -31.49
CA SER A 547 -22.99 47.47 -30.29
C SER A 547 -24.45 47.24 -30.64
N PHE A 548 -25.10 46.30 -29.96
CA PHE A 548 -26.49 45.95 -30.22
C PHE A 548 -27.25 45.95 -28.90
N SER A 549 -28.57 46.11 -28.99
CA SER A 549 -29.40 46.13 -27.78
C SER A 549 -30.29 44.91 -27.68
N PHE A 550 -30.44 44.15 -28.77
CA PHE A 550 -31.32 42.99 -28.73
C PHE A 550 -30.67 41.78 -28.08
N LEU A 551 -29.38 41.87 -27.72
CA LEU A 551 -28.74 40.78 -27.01
C LEU A 551 -29.39 40.56 -25.64
N ALA A 552 -29.88 41.62 -25.02
CA ALA A 552 -30.58 41.48 -23.75
C ALA A 552 -31.84 40.63 -23.90
N GLY A 553 -32.60 40.87 -24.98
CA GLY A 553 -33.76 40.04 -25.25
C GLY A 553 -33.40 38.62 -25.62
N LEU A 554 -32.32 38.44 -26.39
CA LEU A 554 -31.90 37.10 -26.78
C LEU A 554 -31.49 36.28 -25.57
N LEU A 555 -30.77 36.89 -24.63
CA LEU A 555 -30.33 36.16 -23.45
C LEU A 555 -31.52 35.66 -22.63
N GLU A 556 -32.51 36.52 -22.41
CA GLU A 556 -33.66 36.10 -21.62
C GLU A 556 -34.54 35.12 -22.38
N VAL A 557 -34.61 35.23 -23.71
CA VAL A 557 -35.34 34.22 -24.49
C VAL A 557 -34.69 32.86 -24.33
N ALA A 558 -33.36 32.81 -24.44
CA ALA A 558 -32.65 31.54 -24.27
C ALA A 558 -32.84 31.00 -22.86
N ALA A 559 -32.78 31.87 -21.85
CA ALA A 559 -32.98 31.43 -20.48
C ALA A 559 -34.38 30.88 -20.27
N LEU A 560 -35.39 31.54 -20.83
CA LEU A 560 -36.76 31.03 -20.70
C LEU A 560 -36.92 29.69 -21.39
N ILE A 561 -36.32 29.53 -22.56
CA ILE A 561 -36.41 28.24 -23.27
C ILE A 561 -35.78 27.13 -22.44
N ALA A 562 -34.57 27.39 -21.92
CA ALA A 562 -33.89 26.38 -21.12
C ALA A 562 -34.68 26.03 -19.86
N ILE A 563 -35.21 27.05 -19.17
CA ILE A 563 -35.94 26.78 -17.93
C ILE A 563 -37.24 26.05 -18.23
N ALA A 564 -37.89 26.36 -19.35
CA ALA A 564 -39.11 25.64 -19.72
C ALA A 564 -38.79 24.17 -19.98
N GLY A 565 -37.70 23.91 -20.69
CA GLY A 565 -37.29 22.52 -20.91
C GLY A 565 -37.02 21.79 -19.60
N VAL A 566 -36.31 22.44 -18.69
CA VAL A 566 -35.97 21.82 -17.41
C VAL A 566 -37.23 21.54 -16.60
N LEU A 567 -38.17 22.49 -16.55
CA LEU A 567 -39.39 22.27 -15.77
C LEU A 567 -40.25 21.17 -16.39
N LEU A 568 -40.34 21.11 -17.72
CA LEU A 568 -41.08 20.01 -18.34
C LEU A 568 -40.43 18.67 -18.02
N GLY A 569 -39.10 18.61 -18.11
CA GLY A 569 -38.41 17.38 -17.75
C GLY A 569 -38.64 16.98 -16.31
N ALA A 570 -38.65 17.95 -15.40
CA ALA A 570 -38.84 17.66 -13.99
C ALA A 570 -40.24 17.17 -13.68
N ILE A 571 -41.26 17.81 -14.29
CA ILE A 571 -42.62 17.34 -14.04
C ILE A 571 -42.81 15.94 -14.62
N LEU A 572 -42.21 15.66 -15.78
CA LEU A 572 -42.28 14.30 -16.31
C LEU A 572 -41.58 13.31 -15.40
N ASP A 573 -40.43 13.69 -14.85
CA ASP A 573 -39.69 12.82 -13.95
C ASP A 573 -40.51 12.49 -12.70
N TYR A 574 -41.13 13.51 -12.11
CA TYR A 574 -41.96 13.30 -10.93
C TYR A 574 -43.18 12.45 -11.25
N LEU A 575 -43.80 12.69 -12.41
CA LEU A 575 -44.94 11.89 -12.81
C LEU A 575 -44.55 10.43 -12.99
N ALA A 576 -43.38 10.19 -13.58
CA ALA A 576 -42.91 8.81 -13.75
C ALA A 576 -42.61 8.15 -12.40
N LEU A 577 -42.04 8.90 -11.47
CA LEU A 577 -41.76 8.35 -10.14
C LEU A 577 -43.04 7.99 -9.41
N ARG A 578 -44.06 8.85 -9.51
CA ARG A 578 -45.35 8.51 -8.89
C ARG A 578 -46.07 7.42 -9.65
N ARG A 579 -45.73 7.24 -10.93
CA ARG A 579 -46.31 6.16 -11.71
C ARG A 579 -45.74 4.81 -11.28
N THR A 580 -44.42 4.74 -11.12
CA THR A 580 -43.82 3.49 -10.64
C THR A 580 -44.16 3.26 -9.17
N GLU A 581 -44.43 4.33 -8.43
CA GLU A 581 -45.02 4.17 -7.10
C GLU A 581 -46.41 3.54 -7.19
N GLU A 582 -47.20 3.99 -8.15
CA GLU A 582 -48.57 3.53 -8.30
C GLU A 582 -48.68 2.40 -9.31
N GLU B 1 -3.79 -42.27 2.73
CA GLU B 1 -3.70 -42.96 1.45
C GLU B 1 -3.49 -41.97 0.30
N VAL B 2 -3.52 -40.67 0.61
CA VAL B 2 -3.31 -39.62 -0.37
C VAL B 2 -1.99 -38.91 -0.09
N GLN B 3 -1.23 -38.67 -1.16
CA GLN B 3 0.14 -38.18 -1.06
C GLN B 3 0.73 -38.03 -2.46
N LEU B 4 1.90 -37.40 -2.53
CA LEU B 4 2.60 -37.25 -3.80
C LEU B 4 4.10 -37.41 -3.52
N VAL B 5 4.64 -38.54 -3.94
CA VAL B 5 6.00 -38.96 -3.55
C VAL B 5 6.93 -38.82 -4.73
N GLU B 6 8.12 -38.28 -4.49
CA GLU B 6 9.12 -38.07 -5.53
C GLU B 6 10.37 -38.86 -5.20
N SER B 7 11.07 -39.32 -6.23
CA SER B 7 12.26 -40.12 -6.03
C SER B 7 13.20 -39.86 -7.21
N GLY B 8 14.47 -40.22 -7.07
CA GLY B 8 15.37 -40.10 -8.18
C GLY B 8 16.80 -39.70 -7.88
N GLY B 9 17.07 -39.20 -6.68
CA GLY B 9 18.45 -38.94 -6.31
C GLY B 9 19.27 -40.21 -6.24
N GLY B 10 20.53 -40.13 -6.65
CA GLY B 10 21.35 -41.33 -6.70
C GLY B 10 22.73 -41.04 -7.27
N LEU B 11 23.46 -42.12 -7.56
CA LEU B 11 24.83 -42.04 -8.05
C LEU B 11 24.82 -42.03 -9.58
N VAL B 12 25.28 -40.92 -10.16
CA VAL B 12 25.43 -40.76 -11.59
C VAL B 12 26.79 -40.16 -11.87
N GLN B 13 27.15 -40.11 -13.15
CA GLN B 13 28.36 -39.41 -13.54
C GLN B 13 28.21 -37.92 -13.27
N PRO B 14 29.25 -37.23 -12.84
CA PRO B 14 29.17 -35.76 -12.73
C PRO B 14 29.04 -35.12 -14.10
N GLY B 15 28.06 -34.22 -14.20
CA GLY B 15 27.73 -33.64 -15.49
C GLY B 15 27.16 -34.65 -16.47
N GLY B 16 26.33 -35.58 -15.99
CA GLY B 16 25.76 -36.61 -16.83
C GLY B 16 24.27 -36.49 -16.98
N SER B 17 23.54 -37.59 -16.75
CA SER B 17 22.11 -37.60 -16.92
C SER B 17 21.48 -38.36 -15.76
N LEU B 18 20.22 -38.05 -15.46
CA LEU B 18 19.52 -38.65 -14.33
C LEU B 18 18.03 -38.38 -14.49
N ARG B 19 17.21 -39.39 -14.25
CA ARG B 19 15.77 -39.22 -14.34
C ARG B 19 15.13 -39.28 -12.96
N LEU B 20 14.20 -38.36 -12.72
CA LEU B 20 13.44 -38.33 -11.48
C LEU B 20 12.00 -38.71 -11.76
N SER B 21 11.38 -39.38 -10.80
CA SER B 21 9.99 -39.78 -10.90
C SER B 21 9.17 -39.06 -9.85
N CYS B 22 7.95 -38.69 -10.20
CA CYS B 22 6.98 -38.10 -9.28
C CYS B 22 5.70 -38.93 -9.44
N ALA B 23 5.43 -39.76 -8.44
CA ALA B 23 4.23 -40.59 -8.45
C ALA B 23 3.24 -40.05 -7.44
N ALA B 24 2.01 -39.82 -7.89
CA ALA B 24 0.99 -39.20 -7.06
C ALA B 24 -0.10 -40.22 -6.79
N SER B 25 -0.46 -40.39 -5.52
CA SER B 25 -1.53 -41.29 -5.10
C SER B 25 -2.67 -40.48 -4.50
N GLY B 26 -3.89 -40.82 -4.89
CA GLY B 26 -5.06 -40.05 -4.54
C GLY B 26 -5.66 -39.26 -5.69
N PHE B 27 -4.89 -38.99 -6.74
CA PHE B 27 -5.37 -38.26 -7.89
C PHE B 27 -4.53 -38.65 -9.11
N ASN B 28 -5.14 -38.60 -10.29
CA ASN B 28 -4.45 -38.99 -11.51
C ASN B 28 -3.71 -37.80 -12.11
N VAL B 29 -2.60 -38.11 -12.80
CA VAL B 29 -1.80 -37.07 -13.42
C VAL B 29 -2.44 -36.52 -14.69
N VAL B 30 -3.45 -37.20 -15.23
CA VAL B 30 -4.22 -36.64 -16.33
C VAL B 30 -4.96 -35.37 -15.90
N ASP B 31 -5.59 -35.39 -14.72
CA ASP B 31 -6.50 -34.33 -14.33
C ASP B 31 -5.79 -33.04 -13.95
N PHE B 32 -4.51 -33.09 -13.63
CA PHE B 32 -3.77 -31.92 -13.15
C PHE B 32 -2.46 -31.82 -13.90
N SER B 33 -2.12 -30.62 -14.35
CA SER B 33 -0.83 -30.42 -15.00
C SER B 33 0.27 -30.49 -13.95
N LEU B 34 1.39 -31.14 -14.30
CA LEU B 34 2.44 -31.42 -13.33
C LEU B 34 3.63 -30.51 -13.57
N HIS B 35 4.00 -29.76 -12.55
CA HIS B 35 5.06 -28.77 -12.63
C HIS B 35 6.21 -29.19 -11.75
N TRP B 36 7.42 -29.01 -12.24
CA TRP B 36 8.62 -29.25 -11.45
C TRP B 36 9.20 -27.90 -11.07
N VAL B 37 9.41 -27.70 -9.77
CA VAL B 37 9.93 -26.47 -9.19
C VAL B 37 11.22 -26.80 -8.46
N ARG B 38 12.22 -25.95 -8.61
CA ARG B 38 13.52 -26.17 -7.99
C ARG B 38 13.78 -25.07 -6.97
N GLN B 39 14.29 -25.47 -5.80
CA GLN B 39 14.73 -24.51 -4.81
C GLN B 39 16.18 -24.82 -4.48
N ALA B 40 17.06 -23.85 -4.70
CA ALA B 40 18.45 -24.02 -4.36
C ALA B 40 18.63 -23.97 -2.85
N PRO B 41 19.68 -24.58 -2.31
CA PRO B 41 19.91 -24.49 -0.86
C PRO B 41 20.23 -23.06 -0.44
N GLY B 42 19.30 -22.47 0.32
CA GLY B 42 19.49 -21.15 0.87
C GLY B 42 18.83 -20.03 0.08
N LYS B 43 18.32 -20.31 -1.12
CA LYS B 43 17.73 -19.28 -1.97
C LYS B 43 16.28 -19.64 -2.28
N GLY B 44 15.61 -18.74 -2.99
CA GLY B 44 14.19 -18.85 -3.21
C GLY B 44 13.82 -19.82 -4.32
N LEU B 45 12.52 -20.05 -4.45
CA LEU B 45 12.00 -21.00 -5.41
C LEU B 45 12.15 -20.46 -6.83
N GLU B 46 12.04 -21.36 -7.81
CA GLU B 46 11.95 -20.95 -9.21
C GLU B 46 11.36 -22.09 -10.02
N TRP B 47 10.45 -21.76 -10.95
CA TRP B 47 9.72 -22.76 -11.71
C TRP B 47 10.62 -23.33 -12.80
N VAL B 48 10.65 -24.65 -12.94
CA VAL B 48 11.62 -25.32 -13.79
C VAL B 48 10.97 -25.86 -15.06
N ALA B 49 9.91 -26.65 -14.95
CA ALA B 49 9.31 -27.20 -16.16
C ALA B 49 7.86 -27.54 -15.89
N TYR B 50 7.11 -27.78 -16.95
CA TYR B 50 5.76 -28.28 -16.74
C TYR B 50 5.39 -29.21 -17.89
N ILE B 51 4.52 -30.16 -17.59
CA ILE B 51 3.94 -31.03 -18.61
C ILE B 51 2.45 -31.16 -18.36
N SER B 52 1.68 -31.07 -19.43
CA SER B 52 0.24 -31.26 -19.42
C SER B 52 -0.05 -32.40 -20.40
N SER B 53 -0.58 -33.51 -19.86
CA SER B 53 -0.84 -34.69 -20.67
C SER B 53 -2.20 -34.66 -21.35
N SER B 54 -3.07 -33.73 -20.97
CA SER B 54 -4.36 -33.60 -21.64
C SER B 54 -4.18 -33.21 -23.10
N SER B 55 -3.29 -32.27 -23.38
CA SER B 55 -3.00 -31.82 -24.73
C SER B 55 -1.59 -32.14 -25.17
N GLY B 56 -0.81 -32.85 -24.35
CA GLY B 56 0.55 -33.17 -24.71
C GLY B 56 1.51 -32.01 -24.61
N SER B 57 1.09 -30.89 -24.03
CA SER B 57 1.95 -29.71 -24.01
C SER B 57 3.08 -29.87 -23.00
N THR B 58 4.18 -29.17 -23.25
CA THR B 58 5.38 -29.30 -22.46
C THR B 58 6.17 -28.01 -22.57
N SER B 59 6.75 -27.55 -21.46
CA SER B 59 7.56 -26.35 -21.55
C SER B 59 8.63 -26.35 -20.47
N TYR B 60 9.70 -25.60 -20.76
CA TYR B 60 10.89 -25.54 -19.93
C TYR B 60 11.33 -24.08 -19.78
N ALA B 61 12.01 -23.79 -18.67
CA ALA B 61 12.52 -22.46 -18.44
C ALA B 61 13.68 -22.16 -19.39
N ASP B 62 13.91 -20.86 -19.61
CA ASP B 62 14.94 -20.46 -20.55
C ASP B 62 16.33 -20.88 -20.08
N SER B 63 16.60 -20.75 -18.79
CA SER B 63 17.91 -21.04 -18.23
C SER B 63 18.20 -22.54 -18.16
N VAL B 64 17.26 -23.39 -18.56
CA VAL B 64 17.45 -24.83 -18.57
C VAL B 64 17.05 -25.47 -19.89
N LYS B 65 16.56 -24.67 -20.84
CA LYS B 65 16.00 -25.21 -22.08
C LYS B 65 17.05 -25.94 -22.89
N GLY B 66 16.59 -26.94 -23.65
CA GLY B 66 17.44 -27.65 -24.58
C GLY B 66 18.20 -28.82 -23.99
N ARG B 67 18.29 -28.91 -22.66
CA ARG B 67 18.99 -30.00 -22.00
C ARG B 67 18.07 -30.93 -21.24
N PHE B 68 17.05 -30.41 -20.57
CA PHE B 68 16.09 -31.22 -19.84
C PHE B 68 15.02 -31.72 -20.80
N THR B 69 14.29 -32.75 -20.36
CA THR B 69 13.13 -33.23 -21.09
C THR B 69 12.21 -33.88 -20.07
N ILE B 70 10.98 -33.40 -19.98
CA ILE B 70 10.02 -33.91 -19.01
C ILE B 70 8.94 -34.68 -19.75
N SER B 71 8.72 -35.93 -19.33
CA SER B 71 7.71 -36.80 -19.91
C SER B 71 6.79 -37.31 -18.80
N ALA B 72 5.84 -38.16 -19.16
CA ALA B 72 4.92 -38.70 -18.16
C ALA B 72 4.29 -39.97 -18.71
N ASP B 73 3.82 -40.84 -17.82
CA ASP B 73 2.98 -41.98 -18.18
C ASP B 73 1.80 -42.01 -17.23
N THR B 74 0.60 -42.14 -17.78
CA THR B 74 -0.63 -42.10 -17.00
C THR B 74 -1.09 -43.49 -16.57
N SER B 75 -0.70 -44.53 -17.31
CA SER B 75 -1.03 -45.89 -16.88
C SER B 75 -0.34 -46.22 -15.57
N LYS B 76 0.92 -45.82 -15.41
CA LYS B 76 1.68 -45.99 -14.18
C LYS B 76 1.46 -44.82 -13.23
N ASN B 77 0.74 -43.78 -13.68
CA ASN B 77 0.29 -42.68 -12.83
C ASN B 77 1.46 -41.91 -12.23
N THR B 78 2.40 -41.53 -13.09
CA THR B 78 3.56 -40.80 -12.62
C THR B 78 4.16 -39.99 -13.76
N ALA B 79 4.97 -39.01 -13.40
CA ALA B 79 5.69 -38.18 -14.36
C ALA B 79 7.19 -38.33 -14.14
N TYR B 80 7.96 -38.02 -15.17
CA TYR B 80 9.40 -38.14 -15.14
C TYR B 80 10.04 -36.87 -15.66
N LEU B 81 11.20 -36.56 -15.10
CA LEU B 81 12.02 -35.43 -15.56
C LEU B 81 13.41 -35.99 -15.80
N GLN B 82 13.82 -36.05 -17.07
CA GLN B 82 15.15 -36.53 -17.43
C GLN B 82 16.05 -35.32 -17.64
N MET B 83 17.17 -35.31 -16.92
CA MET B 83 18.09 -34.20 -16.96
C MET B 83 19.42 -34.68 -17.55
N ASN B 84 19.85 -34.04 -18.64
CA ASN B 84 21.08 -34.39 -19.32
C ASN B 84 22.02 -33.19 -19.34
N SER B 85 23.31 -33.49 -19.46
CA SER B 85 24.36 -32.47 -19.56
C SER B 85 24.27 -31.48 -18.40
N LEU B 86 24.23 -32.02 -17.19
CA LEU B 86 24.04 -31.19 -16.01
C LEU B 86 25.26 -30.32 -15.73
N ARG B 87 25.01 -29.20 -15.04
CA ARG B 87 26.04 -28.25 -14.67
C ARG B 87 26.06 -28.12 -13.16
N ALA B 88 27.08 -27.43 -12.65
CA ALA B 88 27.26 -27.35 -11.20
C ALA B 88 26.09 -26.63 -10.52
N GLU B 89 25.53 -25.63 -11.18
CA GLU B 89 24.46 -24.83 -10.58
C GLU B 89 23.14 -25.58 -10.49
N ASP B 90 23.05 -26.78 -11.07
CA ASP B 90 21.79 -27.50 -11.16
C ASP B 90 21.35 -28.10 -9.83
N THR B 91 22.27 -28.37 -8.91
CA THR B 91 21.92 -29.05 -7.66
C THR B 91 20.88 -28.25 -6.88
N ALA B 92 19.82 -28.93 -6.46
CA ALA B 92 18.73 -28.26 -5.74
C ALA B 92 17.73 -29.31 -5.28
N VAL B 93 16.74 -28.84 -4.51
CA VAL B 93 15.62 -29.68 -4.10
C VAL B 93 14.50 -29.50 -5.11
N TYR B 94 14.05 -30.60 -5.69
CA TYR B 94 13.02 -30.59 -6.71
C TYR B 94 11.71 -31.01 -6.05
N TYR B 95 10.71 -30.15 -6.18
CA TYR B 95 9.35 -30.44 -5.75
C TYR B 95 8.50 -30.64 -7.00
N CYS B 96 7.53 -31.53 -6.90
CA CYS B 96 6.64 -31.85 -8.01
C CYS B 96 5.24 -31.36 -7.62
N ALA B 97 4.95 -30.12 -7.97
CA ALA B 97 3.65 -29.53 -7.61
C ALA B 97 2.64 -29.81 -8.72
N ARG B 98 1.38 -29.58 -8.39
CA ARG B 98 0.30 -29.77 -9.34
C ARG B 98 -0.45 -28.46 -9.56
N TRP B 99 -1.11 -28.35 -10.71
CA TRP B 99 -1.91 -27.18 -11.04
C TRP B 99 -3.17 -27.65 -11.75
N GLY B 100 -4.30 -27.02 -11.42
CA GLY B 100 -5.58 -27.46 -11.94
C GLY B 100 -5.86 -26.99 -13.35
N TYR B 101 -6.99 -27.47 -13.87
CA TYR B 101 -7.42 -27.16 -15.22
C TYR B 101 -8.03 -25.77 -15.30
N TRP B 102 -7.75 -25.07 -16.38
CA TRP B 102 -8.62 -23.93 -16.61
C TRP B 102 -9.90 -24.41 -17.28
N PRO B 103 -11.07 -23.89 -16.92
CA PRO B 103 -11.36 -22.83 -15.94
C PRO B 103 -11.71 -23.38 -14.57
N GLY B 104 -12.19 -22.51 -13.70
CA GLY B 104 -12.69 -22.90 -12.39
C GLY B 104 -11.73 -22.50 -11.29
N GLU B 105 -12.15 -22.83 -10.07
CA GLU B 105 -11.34 -22.60 -8.87
C GLU B 105 -10.09 -23.48 -8.82
N PRO B 106 -10.08 -24.69 -9.41
CA PRO B 106 -8.83 -25.45 -9.46
C PRO B 106 -7.66 -24.69 -10.06
N TRP B 107 -7.91 -23.88 -11.08
CA TRP B 107 -6.83 -23.10 -11.68
C TRP B 107 -6.35 -22.00 -10.73
N TRP B 108 -7.27 -21.42 -9.95
CA TRP B 108 -6.93 -20.26 -9.14
C TRP B 108 -6.12 -20.63 -7.91
N LYS B 109 -6.29 -21.84 -7.37
CA LYS B 109 -5.52 -22.26 -6.21
C LYS B 109 -4.24 -22.96 -6.68
N ALA B 110 -3.36 -22.16 -7.27
CA ALA B 110 -2.17 -22.69 -7.92
C ALA B 110 -1.28 -23.37 -6.90
N PHE B 111 -0.83 -24.58 -7.24
CA PHE B 111 0.11 -25.34 -6.41
C PHE B 111 -0.45 -25.58 -5.01
N ASP B 112 -1.71 -26.04 -4.97
CA ASP B 112 -2.35 -26.29 -3.69
C ASP B 112 -1.74 -27.46 -2.95
N TYR B 113 -1.35 -28.52 -3.67
CA TYR B 113 -0.70 -29.68 -3.05
C TYR B 113 0.70 -29.79 -3.60
N TRP B 114 1.66 -30.02 -2.71
CA TRP B 114 3.08 -29.93 -2.99
C TRP B 114 3.71 -31.31 -2.76
N GLY B 115 5.04 -31.36 -2.74
CA GLY B 115 5.74 -32.61 -2.48
C GLY B 115 6.89 -32.46 -1.51
N GLN B 116 7.30 -33.54 -0.85
CA GLN B 116 8.30 -33.44 0.21
C GLN B 116 9.67 -33.04 -0.33
N GLY B 117 9.90 -33.15 -1.63
CA GLY B 117 11.16 -32.72 -2.19
C GLY B 117 12.13 -33.87 -2.37
N THR B 118 12.98 -33.76 -3.38
CA THR B 118 14.11 -34.67 -3.57
C THR B 118 15.36 -33.86 -3.85
N LEU B 119 16.43 -34.14 -3.11
CA LEU B 119 17.66 -33.37 -3.25
C LEU B 119 18.47 -33.98 -4.38
N VAL B 120 18.39 -33.34 -5.56
CA VAL B 120 19.21 -33.76 -6.68
C VAL B 120 20.51 -32.96 -6.65
N THR B 121 21.60 -33.62 -6.27
CA THR B 121 22.89 -32.97 -6.18
C THR B 121 23.81 -33.57 -7.23
N VAL B 122 24.49 -32.70 -7.95
CA VAL B 122 25.44 -33.10 -8.98
C VAL B 122 26.84 -32.73 -8.49
N SER B 123 27.76 -33.69 -8.57
CA SER B 123 29.12 -33.51 -8.09
C SER B 123 29.94 -34.72 -8.53
N SER B 124 31.25 -34.63 -8.34
CA SER B 124 32.20 -35.69 -8.64
C SER B 124 32.72 -36.32 -7.36
N ALA B 125 31.85 -36.46 -6.36
CA ALA B 125 32.25 -37.08 -5.10
C ALA B 125 32.36 -38.59 -5.25
N SER B 126 33.19 -39.19 -4.40
CA SER B 126 33.48 -40.61 -4.47
C SER B 126 32.95 -41.28 -3.20
N THR B 127 33.27 -42.55 -3.03
CA THR B 127 32.73 -43.37 -1.94
C THR B 127 33.82 -43.67 -0.93
N LYS B 128 33.53 -43.40 0.35
CA LYS B 128 34.39 -43.77 1.45
C LYS B 128 33.56 -43.87 2.72
N GLY B 129 33.92 -44.83 3.57
CA GLY B 129 33.18 -45.11 4.77
C GLY B 129 33.25 -43.99 5.80
N PRO B 130 32.08 -43.54 6.26
CA PRO B 130 32.04 -42.51 7.30
C PRO B 130 32.27 -43.09 8.68
N SER B 131 32.35 -42.19 9.66
CA SER B 131 32.64 -42.59 11.05
C SER B 131 31.68 -41.82 11.96
N VAL B 132 30.61 -42.49 12.39
CA VAL B 132 29.64 -41.89 13.29
C VAL B 132 29.86 -42.43 14.70
N PHE B 133 29.94 -41.53 15.68
CA PHE B 133 30.25 -41.93 17.04
C PHE B 133 29.52 -41.05 18.06
N PRO B 134 28.97 -41.63 19.12
CA PRO B 134 28.50 -40.82 20.25
C PRO B 134 29.64 -40.26 21.07
N LEU B 135 29.40 -39.14 21.74
CA LEU B 135 30.40 -38.56 22.63
C LEU B 135 30.48 -39.41 23.89
N ALA B 136 31.65 -39.97 24.15
CA ALA B 136 31.86 -40.69 25.40
C ALA B 136 31.77 -39.72 26.56
N PRO B 137 31.24 -40.15 27.71
CA PRO B 137 31.15 -39.23 28.86
C PRO B 137 32.49 -39.06 29.57
N SER B 138 33.44 -38.40 28.92
CA SER B 138 34.74 -38.17 29.53
C SER B 138 34.61 -37.19 30.69
N SER B 139 35.29 -37.49 31.79
CA SER B 139 35.13 -36.70 33.00
C SER B 139 35.90 -35.37 32.92
N LYS B 140 36.90 -35.28 32.05
CA LYS B 140 37.72 -34.06 31.99
C LYS B 140 36.90 -32.85 31.54
N SER B 141 36.06 -33.03 30.53
CA SER B 141 35.31 -31.91 29.98
C SER B 141 34.12 -31.58 30.89
N THR B 142 34.05 -30.32 31.31
CA THR B 142 32.98 -29.80 32.17
C THR B 142 32.72 -30.72 33.38
N SER B 143 33.74 -30.82 34.24
CA SER B 143 33.60 -31.59 35.46
C SER B 143 32.64 -30.90 36.43
N GLY B 144 31.77 -31.68 37.05
CA GLY B 144 30.85 -31.17 38.05
C GLY B 144 29.57 -30.55 37.52
N GLY B 145 29.33 -30.60 36.22
CA GLY B 145 28.12 -30.01 35.65
C GLY B 145 27.28 -30.98 34.86
N THR B 146 26.60 -30.47 33.83
CA THR B 146 25.77 -31.28 32.95
C THR B 146 26.63 -31.84 31.83
N ALA B 147 26.29 -33.04 31.36
CA ALA B 147 27.08 -33.69 30.35
C ALA B 147 26.67 -33.22 28.96
N ALA B 148 27.67 -32.92 28.13
CA ALA B 148 27.48 -32.49 26.75
C ALA B 148 27.73 -33.71 25.87
N LEU B 149 26.70 -34.53 25.73
CA LEU B 149 26.79 -35.69 24.85
C LEU B 149 26.45 -35.28 23.43
N GLY B 150 26.26 -36.28 22.59
CA GLY B 150 25.82 -36.01 21.25
C GLY B 150 26.23 -37.13 20.34
N CYS B 151 25.83 -36.97 19.08
CA CYS B 151 26.20 -37.90 18.04
C CYS B 151 26.87 -37.09 16.94
N LEU B 152 28.12 -37.44 16.62
CA LEU B 152 28.80 -36.70 15.57
C LEU B 152 29.27 -37.65 14.49
N VAL B 153 29.24 -37.16 13.26
CA VAL B 153 29.55 -37.95 12.07
C VAL B 153 30.79 -37.37 11.40
N LYS B 154 31.20 -38.02 10.32
CA LYS B 154 32.36 -37.58 9.55
C LYS B 154 32.03 -37.32 8.08
N ASP B 155 31.23 -38.18 7.45
CA ASP B 155 30.86 -37.99 6.06
C ASP B 155 29.47 -38.53 5.81
N TYR B 156 28.92 -38.17 4.66
CA TYR B 156 27.82 -38.92 4.06
C TYR B 156 27.71 -38.55 2.59
N PHE B 157 27.79 -39.59 1.74
CA PHE B 157 27.62 -39.45 0.30
C PHE B 157 26.25 -38.82 0.02
N PRO B 158 25.15 -39.34 0.58
CA PRO B 158 23.89 -38.60 0.49
C PRO B 158 23.78 -37.62 1.65
N GLU B 159 23.60 -36.34 1.34
CA GLU B 159 23.49 -35.34 2.39
C GLU B 159 22.32 -35.54 3.34
N PRO B 160 21.10 -35.87 2.88
CA PRO B 160 20.00 -36.08 3.84
C PRO B 160 20.30 -37.20 4.82
N VAL B 161 20.29 -36.86 6.11
CA VAL B 161 20.58 -37.80 7.19
C VAL B 161 19.48 -37.69 8.23
N THR B 162 18.91 -38.82 8.64
CA THR B 162 17.86 -38.83 9.65
C THR B 162 18.46 -39.36 10.96
N VAL B 163 18.57 -38.47 11.96
CA VAL B 163 19.13 -38.81 13.26
C VAL B 163 18.01 -38.78 14.28
N SER B 164 17.91 -39.83 15.08
CA SER B 164 16.91 -39.93 16.13
C SER B 164 17.55 -40.42 17.41
N TRP B 165 16.94 -40.09 18.54
CA TRP B 165 17.48 -40.44 19.85
C TRP B 165 16.53 -41.38 20.56
N ASN B 166 17.08 -42.49 21.09
CA ASN B 166 16.32 -43.46 21.88
C ASN B 166 15.09 -43.97 21.13
N SER B 167 15.30 -44.41 19.89
CA SER B 167 14.23 -44.87 19.02
C SER B 167 13.15 -43.81 18.80
N GLY B 168 13.55 -42.55 18.73
CA GLY B 168 12.62 -41.46 18.54
C GLY B 168 11.66 -41.24 19.70
N ALA B 169 12.14 -41.44 20.93
CA ALA B 169 11.29 -41.22 22.10
C ALA B 169 11.52 -39.85 22.73
N LEU B 170 12.67 -39.22 22.50
CA LEU B 170 12.98 -37.91 23.05
C LEU B 170 13.58 -37.03 21.97
N THR B 171 13.29 -35.74 22.03
CA THR B 171 13.79 -34.77 21.08
C THR B 171 14.36 -33.51 21.72
N SER B 172 13.97 -33.21 22.95
CA SER B 172 14.32 -31.96 23.60
C SER B 172 15.74 -32.00 24.12
N GLY B 173 16.47 -30.89 23.94
CA GLY B 173 17.81 -30.74 24.46
C GLY B 173 18.93 -30.93 23.46
N VAL B 174 18.69 -31.58 22.32
CA VAL B 174 19.72 -31.85 21.32
C VAL B 174 19.63 -30.76 20.24
N HIS B 175 20.74 -30.06 20.03
CA HIS B 175 20.79 -28.95 19.09
C HIS B 175 21.26 -29.51 17.75
N THR B 176 20.31 -29.68 16.81
CA THR B 176 20.65 -30.24 15.51
C THR B 176 21.51 -29.25 14.75
N PHE B 177 22.81 -29.47 14.74
CA PHE B 177 23.75 -28.48 14.25
C PHE B 177 23.89 -28.58 12.74
N PRO B 178 23.60 -27.52 11.99
CA PRO B 178 23.71 -27.60 10.53
C PRO B 178 25.12 -27.96 10.09
N ALA B 179 25.20 -28.79 9.04
CA ALA B 179 26.48 -29.32 8.60
C ALA B 179 27.43 -28.21 8.20
N VAL B 180 28.70 -28.38 8.56
CA VAL B 180 29.72 -27.42 8.15
C VAL B 180 30.52 -27.97 6.98
N LEU B 181 31.11 -27.06 6.20
CA LEU B 181 31.89 -27.43 5.04
C LEU B 181 33.17 -28.15 5.44
N GLN B 182 33.48 -29.24 4.74
CA GLN B 182 34.74 -29.96 4.91
C GLN B 182 35.65 -29.65 3.73
N SER B 183 36.96 -29.63 3.98
CA SER B 183 37.91 -29.52 2.88
C SER B 183 37.88 -30.73 1.96
N SER B 184 37.29 -31.84 2.40
CA SER B 184 37.12 -33.02 1.57
C SER B 184 35.91 -32.92 0.65
N GLY B 185 35.10 -31.87 0.77
CA GLY B 185 33.93 -31.69 -0.04
C GLY B 185 32.67 -32.33 0.50
N LEU B 186 32.75 -33.02 1.64
CA LEU B 186 31.58 -33.63 2.24
C LEU B 186 31.13 -32.82 3.44
N TYR B 187 30.13 -33.33 4.15
CA TYR B 187 29.52 -32.58 5.23
C TYR B 187 29.48 -33.43 6.50
N SER B 188 29.85 -32.83 7.62
CA SER B 188 29.98 -33.53 8.89
C SER B 188 29.42 -32.66 10.01
N LEU B 189 28.17 -32.90 10.36
CA LEU B 189 27.55 -32.21 11.48
C LEU B 189 28.06 -32.82 12.78
N SER B 190 27.62 -32.26 13.91
CA SER B 190 27.86 -32.82 15.23
C SER B 190 26.70 -32.41 16.13
N SER B 191 25.67 -33.24 16.22
CA SER B 191 24.53 -32.88 17.05
C SER B 191 24.88 -33.05 18.52
N VAL B 192 25.00 -31.93 19.23
CA VAL B 192 25.40 -31.91 20.62
C VAL B 192 24.14 -31.73 21.47
N VAL B 193 24.19 -32.27 22.68
CA VAL B 193 23.07 -32.20 23.60
C VAL B 193 23.62 -31.91 24.99
N THR B 194 23.02 -30.93 25.67
CA THR B 194 23.43 -30.51 27.01
C THR B 194 22.34 -30.94 27.98
N VAL B 195 22.54 -32.07 28.65
CA VAL B 195 21.55 -32.64 29.56
C VAL B 195 22.23 -33.02 30.87
N PRO B 196 21.51 -33.04 31.99
CA PRO B 196 22.13 -33.45 33.26
C PRO B 196 22.57 -34.91 33.21
N SER B 197 23.50 -35.26 34.12
CA SER B 197 24.12 -36.57 34.14
C SER B 197 23.39 -37.54 35.07
N SER B 198 22.09 -37.35 35.25
CA SER B 198 21.30 -38.21 36.12
C SER B 198 21.06 -39.60 35.52
N SER B 199 21.40 -39.81 34.26
CA SER B 199 21.14 -41.06 33.56
C SER B 199 22.41 -41.65 32.97
N LEU B 200 23.54 -41.50 33.68
CA LEU B 200 24.79 -42.10 33.21
C LEU B 200 24.72 -43.63 33.30
N GLY B 201 24.20 -44.16 34.40
CA GLY B 201 24.15 -45.60 34.61
C GLY B 201 22.81 -46.26 34.40
N THR B 202 21.76 -45.49 34.09
CA THR B 202 20.42 -46.04 33.92
C THR B 202 19.96 -46.01 32.47
N GLN B 203 19.96 -44.84 31.83
CA GLN B 203 19.53 -44.74 30.44
C GLN B 203 20.71 -45.03 29.52
N THR B 204 20.52 -45.99 28.61
CA THR B 204 21.56 -46.34 27.65
C THR B 204 21.62 -45.28 26.57
N TYR B 205 22.79 -45.14 25.94
CA TYR B 205 23.03 -44.10 24.95
C TYR B 205 22.83 -44.70 23.56
N ILE B 206 21.64 -44.52 22.99
CA ILE B 206 21.29 -45.03 21.67
C ILE B 206 21.15 -43.86 20.72
N CYS B 207 21.88 -43.89 19.61
CA CYS B 207 21.76 -42.90 18.55
C CYS B 207 21.45 -43.64 17.25
N ASN B 208 20.41 -43.21 16.53
CA ASN B 208 19.99 -43.87 15.31
C ASN B 208 20.26 -42.97 14.12
N VAL B 209 20.95 -43.52 13.11
CA VAL B 209 21.33 -42.80 11.90
C VAL B 209 20.73 -43.54 10.71
N ASN B 210 20.09 -42.80 9.81
CA ASN B 210 19.48 -43.36 8.61
C ASN B 210 19.91 -42.57 7.39
N HIS B 211 20.48 -43.28 6.40
CA HIS B 211 20.80 -42.76 5.08
C HIS B 211 19.79 -43.36 4.11
N LYS B 212 18.90 -42.51 3.57
CA LYS B 212 17.87 -43.02 2.68
C LYS B 212 18.39 -43.35 1.29
N PRO B 213 19.07 -42.45 0.56
CA PRO B 213 19.62 -42.85 -0.74
C PRO B 213 20.64 -43.97 -0.63
N SER B 214 21.44 -44.00 0.43
CA SER B 214 22.42 -45.05 0.64
C SER B 214 21.81 -46.30 1.28
N ASN B 215 20.55 -46.24 1.68
CA ASN B 215 19.83 -47.39 2.25
C ASN B 215 20.61 -48.01 3.41
N THR B 216 21.14 -47.16 4.28
CA THR B 216 22.01 -47.60 5.38
C THR B 216 21.41 -47.18 6.72
N LYS B 217 21.43 -48.11 7.67
CA LYS B 217 20.91 -47.86 9.02
C LYS B 217 21.98 -48.22 10.04
N VAL B 218 22.33 -47.27 10.90
CA VAL B 218 23.41 -47.44 11.88
C VAL B 218 22.86 -47.14 13.27
N ASP B 219 23.18 -47.99 14.23
CA ASP B 219 22.93 -47.74 15.63
C ASP B 219 24.26 -47.52 16.34
N LYS B 220 24.38 -46.40 17.04
CA LYS B 220 25.63 -45.95 17.66
C LYS B 220 25.44 -45.90 19.17
N LYS B 221 26.40 -46.51 19.87
CA LYS B 221 26.41 -46.59 21.33
C LYS B 221 27.85 -46.79 21.79
N VAL B 222 28.13 -46.37 23.03
CA VAL B 222 29.47 -46.51 23.60
C VAL B 222 29.46 -47.80 24.42
N GLU B 223 29.81 -48.90 23.76
CA GLU B 223 29.84 -50.22 24.36
C GLU B 223 31.14 -50.92 24.04
N PRO B 224 31.63 -51.77 24.94
CA PRO B 224 32.83 -52.54 24.64
C PRO B 224 32.57 -53.56 23.54
N LYS B 225 33.63 -53.88 22.79
CA LYS B 225 33.54 -54.88 21.74
C LYS B 225 33.51 -56.29 22.33
N GLN C 1 36.79 17.69 22.35
CA GLN C 1 36.86 16.64 23.36
C GLN C 1 35.65 15.73 23.29
N VAL C 2 35.64 14.69 24.12
CA VAL C 2 34.53 13.74 24.21
C VAL C 2 33.99 13.77 25.63
N GLN C 3 32.68 13.97 25.76
CA GLN C 3 32.03 14.07 27.05
C GLN C 3 30.69 13.35 27.00
N LEU C 4 30.34 12.67 28.08
CA LEU C 4 29.05 12.01 28.23
C LEU C 4 28.28 12.65 29.37
N GLN C 5 27.04 13.08 29.08
CA GLN C 5 26.19 13.73 30.05
C GLN C 5 25.12 12.76 30.54
N GLU C 6 25.04 12.62 31.86
CA GLU C 6 24.08 11.75 32.52
C GLU C 6 23.34 12.55 33.58
N SER C 7 22.14 12.08 33.93
CA SER C 7 21.33 12.76 34.92
C SER C 7 20.43 11.74 35.60
N GLY C 8 19.99 12.09 36.81
CA GLY C 8 19.04 11.27 37.53
C GLY C 8 19.65 10.44 38.64
N GLY C 9 18.94 9.39 39.00
CA GLY C 9 19.35 8.53 40.09
C GLY C 9 18.75 8.94 41.42
N GLY C 10 19.54 8.71 42.47
CA GLY C 10 19.16 9.15 43.80
C GLY C 10 18.05 8.33 44.42
N LEU C 11 17.59 8.82 45.57
CA LEU C 11 16.51 8.18 46.30
C LEU C 11 15.24 8.19 45.46
N VAL C 12 14.55 7.06 45.41
CA VAL C 12 13.26 6.98 44.72
C VAL C 12 12.19 6.57 45.72
N GLN C 13 11.07 7.29 45.70
CA GLN C 13 9.96 7.01 46.61
C GLN C 13 9.21 5.76 46.16
N PRO C 14 8.51 5.07 47.06
CA PRO C 14 7.76 3.87 46.66
C PRO C 14 6.49 4.20 45.90
N GLY C 15 6.16 3.32 44.95
CA GLY C 15 4.96 3.45 44.16
C GLY C 15 4.99 4.53 43.10
N GLY C 16 6.15 5.12 42.84
CA GLY C 16 6.23 6.26 41.94
C GLY C 16 6.71 5.94 40.55
N SER C 17 7.79 6.62 40.14
CA SER C 17 8.27 6.58 38.76
C SER C 17 9.59 7.34 38.72
N LEU C 18 10.27 7.29 37.57
CA LEU C 18 11.44 8.13 37.34
C LEU C 18 11.66 8.29 35.85
N ARG C 19 12.47 9.27 35.47
CA ARG C 19 12.78 9.51 34.07
C ARG C 19 14.20 10.05 33.97
N LEU C 20 15.08 9.30 33.29
CA LEU C 20 16.50 9.61 33.20
C LEU C 20 16.84 9.97 31.76
N SER C 21 17.85 10.81 31.58
CA SER C 21 18.30 11.24 30.26
C SER C 21 19.79 10.96 30.09
N CYS C 22 20.19 10.49 28.90
CA CYS C 22 21.59 10.23 28.57
C CYS C 22 21.91 10.87 27.22
N ALA C 23 23.02 11.62 27.17
CA ALA C 23 23.47 12.24 25.93
C ALA C 23 24.99 12.19 25.84
N ALA C 24 25.50 12.45 24.63
CA ALA C 24 26.94 12.51 24.41
C ALA C 24 27.26 13.72 23.56
N SER C 25 28.21 14.54 24.02
CA SER C 25 28.68 15.71 23.30
C SER C 25 30.12 15.49 22.89
N GLY C 26 30.47 15.93 21.67
CA GLY C 26 31.80 15.72 21.13
C GLY C 26 31.94 14.51 20.25
N ARG C 27 30.94 13.62 20.24
CA ARG C 27 30.93 12.43 19.40
C ARG C 27 29.67 12.44 18.57
N THR C 28 29.76 11.93 17.34
CA THR C 28 28.60 11.89 16.45
C THR C 28 27.62 10.82 16.93
N ILE C 29 26.42 11.26 17.32
CA ILE C 29 25.40 10.32 17.78
C ILE C 29 24.90 9.45 16.63
N SER C 30 24.79 10.02 15.43
CA SER C 30 24.21 9.31 14.30
C SER C 30 25.06 8.10 13.91
N ARG C 31 24.38 7.08 13.37
CA ARG C 31 24.94 5.87 12.78
C ARG C 31 25.44 4.87 13.82
N TYR C 32 25.40 5.19 15.11
CA TYR C 32 25.86 4.29 16.17
C TYR C 32 24.70 3.94 17.09
N ALA C 33 24.77 2.75 17.67
CA ALA C 33 23.69 2.19 18.48
C ALA C 33 23.87 2.55 19.94
N MET C 34 22.81 3.08 20.55
CA MET C 34 22.80 3.51 21.94
C MET C 34 22.14 2.41 22.77
N SER C 35 22.80 1.97 23.85
CA SER C 35 22.19 0.94 24.69
C SER C 35 22.24 1.36 26.15
N TRP C 36 21.29 0.80 26.90
CA TRP C 36 21.17 1.00 28.34
C TRP C 36 21.48 -0.31 29.06
N PHE C 37 22.00 -0.18 30.28
CA PHE C 37 22.38 -1.35 31.06
C PHE C 37 21.85 -1.18 32.47
N ARG C 38 21.13 -2.20 32.96
CA ARG C 38 20.68 -2.22 34.35
C ARG C 38 21.57 -3.13 35.18
N GLN C 39 21.60 -2.87 36.50
CA GLN C 39 22.18 -3.84 37.42
C GLN C 39 21.54 -3.66 38.80
N ALA C 40 20.72 -4.63 39.19
CA ALA C 40 20.34 -4.81 40.57
C ALA C 40 21.47 -5.54 41.30
N PRO C 41 21.48 -5.54 42.63
CA PRO C 41 22.56 -6.24 43.35
C PRO C 41 22.60 -7.74 43.05
N GLY C 42 21.45 -8.35 42.77
CA GLY C 42 21.35 -9.79 42.61
C GLY C 42 21.40 -10.33 41.21
N LYS C 43 21.26 -9.50 40.19
CA LYS C 43 21.35 -9.92 38.79
C LYS C 43 22.72 -9.56 38.23
N GLU C 44 22.94 -9.97 36.98
CA GLU C 44 24.07 -9.49 36.22
C GLU C 44 23.81 -8.06 35.77
N ARG C 45 24.66 -7.55 34.87
CA ARG C 45 24.41 -6.24 34.26
C ARG C 45 23.37 -6.48 33.17
N GLU C 46 22.12 -6.66 33.60
CA GLU C 46 21.05 -7.11 32.73
C GLU C 46 20.81 -6.10 31.61
N PHE C 47 20.16 -6.56 30.55
CA PHE C 47 19.87 -5.71 29.41
C PHE C 47 18.75 -4.73 29.73
N VAL C 48 18.70 -3.63 28.98
CA VAL C 48 17.58 -2.71 29.09
C VAL C 48 16.96 -2.49 27.72
N ALA C 49 17.73 -1.89 26.82
CA ALA C 49 17.25 -1.56 25.48
C ALA C 49 18.41 -1.06 24.64
N VAL C 50 18.26 -1.20 23.33
CA VAL C 50 19.29 -0.77 22.39
C VAL C 50 18.58 -0.24 21.15
N ALA C 51 19.19 0.78 20.54
CA ALA C 51 18.65 1.40 19.34
C ALA C 51 19.77 1.53 18.32
N ARG C 52 19.49 1.11 17.09
CA ARG C 52 20.43 1.16 15.99
C ARG C 52 20.42 2.56 15.37
N ARG C 53 21.01 2.69 14.19
CA ARG C 53 21.05 3.97 13.48
C ARG C 53 19.64 4.49 13.27
N SER C 54 19.40 5.74 13.68
CA SER C 54 18.09 6.42 13.63
C SER C 54 17.05 5.48 14.24
N GLY C 55 15.87 5.33 13.62
CA GLY C 55 14.86 4.45 14.15
C GLY C 55 14.72 3.15 13.39
N ASP C 56 15.76 2.77 12.63
CA ASP C 56 15.68 1.59 11.80
C ASP C 56 15.44 0.33 12.64
N GLY C 57 16.11 0.22 13.78
CA GLY C 57 15.92 -0.94 14.63
C GLY C 57 16.00 -0.59 16.11
N ALA C 58 15.30 -1.35 16.93
CA ALA C 58 15.27 -1.12 18.37
C ALA C 58 14.88 -2.41 19.08
N PHE C 59 15.68 -2.80 20.06
CA PHE C 59 15.47 -4.03 20.82
C PHE C 59 15.27 -3.68 22.29
N TYR C 60 14.55 -4.56 22.98
CA TYR C 60 14.03 -4.29 24.32
C TYR C 60 14.23 -5.51 25.21
N ALA C 61 14.21 -5.28 26.52
CA ALA C 61 14.56 -6.31 27.48
C ALA C 61 13.33 -6.88 28.19
N ASP C 62 13.62 -7.67 29.23
CA ASP C 62 12.57 -8.20 30.09
C ASP C 62 11.69 -7.10 30.65
N SER C 63 12.30 -6.10 31.28
CA SER C 63 11.57 -5.10 32.06
C SER C 63 11.18 -3.88 31.22
N VAL C 64 11.01 -4.06 29.93
CA VAL C 64 10.50 -2.97 29.07
C VAL C 64 8.98 -2.92 29.01
N GLN C 65 8.29 -4.04 28.84
CA GLN C 65 6.84 -4.00 28.73
C GLN C 65 6.21 -3.75 30.10
N GLY C 66 5.65 -2.56 30.27
CA GLY C 66 4.93 -2.21 31.48
C GLY C 66 5.77 -1.54 32.54
N ARG C 67 7.09 -1.68 32.46
CA ARG C 67 7.94 -1.21 33.55
C ARG C 67 8.83 -0.05 33.10
N PHE C 68 9.60 -0.24 32.03
CA PHE C 68 10.43 0.82 31.48
C PHE C 68 9.90 1.28 30.13
N THR C 69 10.46 2.38 29.65
CA THR C 69 10.08 2.95 28.36
C THR C 69 11.31 3.66 27.80
N VAL C 70 11.48 3.60 26.48
CA VAL C 70 12.63 4.23 25.82
C VAL C 70 12.12 5.28 24.86
N SER C 71 12.68 6.48 24.95
CA SER C 71 12.31 7.59 24.07
C SER C 71 13.56 8.14 23.39
N ARG C 72 13.44 8.44 22.11
CA ARG C 72 14.52 9.01 21.32
C ARG C 72 14.18 10.45 20.96
N ASP C 73 15.08 11.37 21.27
CA ASP C 73 14.91 12.79 20.95
C ASP C 73 15.95 13.21 19.93
N ASP C 74 15.49 13.52 18.72
CA ASP C 74 16.41 13.89 17.65
C ASP C 74 16.94 15.31 17.82
N ALA C 75 16.11 16.24 18.30
CA ALA C 75 16.53 17.63 18.42
C ALA C 75 17.64 17.78 19.44
N LYS C 76 17.48 17.18 20.63
CA LYS C 76 18.49 17.30 21.67
C LYS C 76 19.55 16.20 21.62
N ASN C 77 19.38 15.21 20.74
CA ASN C 77 20.32 14.10 20.59
C ASN C 77 20.57 13.40 21.93
N THR C 78 19.48 12.88 22.50
CA THR C 78 19.52 12.28 23.82
C THR C 78 18.49 11.15 23.87
N VAL C 79 18.68 10.24 24.83
CA VAL C 79 17.79 9.10 25.00
C VAL C 79 17.23 9.13 26.42
N TYR C 80 15.92 8.90 26.55
CA TYR C 80 15.23 8.93 27.83
C TYR C 80 14.79 7.53 28.24
N LEU C 81 15.02 7.18 29.50
CA LEU C 81 14.55 5.93 30.09
C LEU C 81 13.50 6.26 31.16
N GLN C 82 12.34 5.63 31.04
CA GLN C 82 11.24 5.91 31.95
C GLN C 82 10.92 4.68 32.77
N MET C 83 10.59 4.89 34.05
CA MET C 83 10.38 3.82 35.02
C MET C 83 8.93 3.84 35.49
N ASN C 84 8.49 2.75 36.11
CA ASN C 84 7.17 2.75 36.74
C ASN C 84 7.10 1.66 37.80
N SER C 85 6.43 1.96 38.90
CA SER C 85 6.09 0.99 39.95
C SER C 85 7.32 0.19 40.35
N LEU C 86 8.31 0.87 40.91
CA LEU C 86 9.57 0.21 41.24
C LEU C 86 9.39 -0.81 42.33
N LYS C 87 9.78 -2.05 42.03
CA LYS C 87 9.87 -3.09 43.05
C LYS C 87 10.98 -2.74 44.03
N PRO C 88 10.89 -3.21 45.28
CA PRO C 88 11.91 -2.86 46.26
C PRO C 88 13.29 -3.37 45.89
N GLU C 89 13.38 -4.36 45.02
CA GLU C 89 14.63 -4.93 44.55
C GLU C 89 15.23 -4.16 43.39
N ASP C 90 14.59 -3.09 42.93
CA ASP C 90 15.08 -2.44 41.73
C ASP C 90 16.28 -1.54 41.99
N THR C 91 17.02 -1.67 43.08
CA THR C 91 18.17 -0.80 43.33
C THR C 91 19.17 -1.02 42.22
N ALA C 92 19.21 -0.11 41.27
CA ALA C 92 19.80 -0.37 39.97
C ALA C 92 20.82 0.68 39.59
N VAL C 93 22.04 0.24 39.32
CA VAL C 93 23.01 1.10 38.65
C VAL C 93 22.78 1.01 37.15
N TYR C 94 22.79 2.16 36.48
CA TYR C 94 22.47 2.28 35.07
C TYR C 94 23.71 2.71 34.32
N TYR C 95 24.01 2.00 33.24
CA TYR C 95 25.13 2.33 32.37
C TYR C 95 24.61 2.76 31.00
N CYS C 96 25.30 3.73 30.43
CA CYS C 96 25.03 4.24 29.09
C CYS C 96 26.14 3.77 28.16
N ALA C 97 25.79 2.99 27.14
CA ALA C 97 26.79 2.40 26.26
C ALA C 97 26.68 2.97 24.86
N ILE C 98 27.78 3.58 24.43
CA ILE C 98 27.97 4.13 23.09
C ILE C 98 29.12 3.37 22.44
N ASP C 99 28.86 2.82 21.26
CA ASP C 99 29.86 2.03 20.56
C ASP C 99 30.57 2.90 19.54
N SER C 100 31.89 3.08 19.72
CA SER C 100 32.67 3.89 18.80
C SER C 100 33.05 3.11 17.54
N ASP C 101 32.86 1.80 17.53
CA ASP C 101 33.15 0.96 16.39
C ASP C 101 31.87 0.37 15.85
N THR C 102 31.79 0.23 14.52
CA THR C 102 30.57 -0.26 13.87
C THR C 102 30.32 -1.74 14.13
N PHE C 103 31.27 -2.45 14.72
CA PHE C 103 31.13 -3.89 14.89
C PHE C 103 30.07 -4.27 15.92
N TYR C 104 29.63 -3.34 16.78
CA TYR C 104 28.62 -3.61 17.79
C TYR C 104 29.05 -4.71 18.75
N SER C 105 30.37 -4.86 18.92
CA SER C 105 30.89 -5.89 19.81
C SER C 105 30.56 -5.59 21.26
N GLY C 106 30.44 -4.30 21.60
CA GLY C 106 30.17 -3.90 22.97
C GLY C 106 31.40 -3.37 23.66
N SER C 107 32.46 -3.10 22.90
CA SER C 107 33.69 -2.56 23.46
C SER C 107 33.46 -1.11 23.88
N TYR C 108 33.93 -0.75 25.07
CA TYR C 108 33.71 0.57 25.66
C TYR C 108 35.08 1.15 26.02
N ASP C 109 35.60 2.02 25.14
CA ASP C 109 36.87 2.68 25.39
C ASP C 109 36.73 3.98 26.18
N TYR C 110 35.63 4.69 26.02
CA TYR C 110 35.38 5.91 26.79
C TYR C 110 34.54 5.56 28.01
N TRP C 111 35.13 5.66 29.18
CA TRP C 111 34.46 5.21 30.40
C TRP C 111 33.44 6.25 30.88
N GLY C 112 32.27 5.77 31.26
CA GLY C 112 31.23 6.63 31.81
C GLY C 112 30.84 6.22 33.21
N GLN C 113 30.58 7.21 34.07
CA GLN C 113 30.22 6.91 35.45
C GLN C 113 28.88 6.17 35.54
N GLY C 114 27.90 6.58 34.74
CA GLY C 114 26.59 5.96 34.77
C GLY C 114 25.75 6.44 35.92
N THR C 115 24.42 6.42 35.75
CA THR C 115 23.53 6.88 36.81
C THR C 115 23.27 5.75 37.81
N GLN C 116 22.55 6.08 38.87
CA GLN C 116 22.23 5.11 39.92
C GLN C 116 20.87 5.44 40.50
N VAL C 117 19.87 4.62 40.16
CA VAL C 117 18.54 4.75 40.74
C VAL C 117 18.44 3.80 41.92
N THR C 118 18.51 4.35 43.13
CA THR C 118 18.43 3.54 44.34
C THR C 118 17.06 3.78 44.99
N VAL C 119 16.43 2.70 45.44
CA VAL C 119 15.09 2.76 45.99
C VAL C 119 15.18 2.38 47.46
N SER C 120 14.17 2.78 48.24
CA SER C 120 14.12 2.54 49.67
C SER C 120 15.40 3.00 50.37
N ASP D 1 13.03 -3.64 -13.00
CA ASP D 1 14.25 -3.04 -12.50
C ASP D 1 14.00 -1.63 -11.97
N ILE D 2 12.75 -1.21 -11.97
CA ILE D 2 12.34 0.10 -11.47
C ILE D 2 11.51 -0.10 -10.22
N GLN D 3 11.97 0.48 -9.11
CA GLN D 3 11.28 0.43 -7.82
C GLN D 3 11.15 1.84 -7.27
N MET D 4 10.11 2.06 -6.48
CA MET D 4 9.88 3.38 -5.89
C MET D 4 10.97 3.69 -4.85
N THR D 5 11.43 4.94 -4.87
CA THR D 5 12.44 5.36 -3.91
C THR D 5 11.79 5.65 -2.55
N GLN D 6 12.26 4.97 -1.52
CA GLN D 6 11.72 5.09 -0.18
C GLN D 6 12.84 5.26 0.82
N SER D 7 12.66 6.18 1.77
CA SER D 7 13.67 6.36 2.81
C SER D 7 13.62 5.26 3.87
N PRO D 8 12.46 4.92 4.48
CA PRO D 8 12.45 3.79 5.42
C PRO D 8 12.33 2.45 4.71
N SER D 9 13.38 1.63 4.79
CA SER D 9 13.42 0.37 4.05
C SER D 9 13.40 -0.86 4.95
N SER D 10 13.48 -0.70 6.26
CA SER D 10 13.52 -1.81 7.20
C SER D 10 12.41 -1.65 8.24
N LEU D 11 12.09 -2.74 8.92
CA LEU D 11 11.04 -2.75 9.93
C LEU D 11 11.54 -3.46 11.19
N SER D 12 11.03 -3.03 12.35
CA SER D 12 11.37 -3.65 13.62
C SER D 12 10.17 -3.53 14.55
N ALA D 13 9.43 -4.62 14.73
CA ALA D 13 8.24 -4.65 15.57
C ALA D 13 8.25 -5.91 16.42
N SER D 14 7.51 -5.86 17.53
CA SER D 14 7.52 -6.96 18.48
C SER D 14 6.32 -7.88 18.28
N VAL D 15 6.23 -8.90 19.16
CA VAL D 15 5.16 -9.88 19.09
C VAL D 15 3.82 -9.20 19.33
N GLY D 16 2.77 -9.71 18.69
CA GLY D 16 1.44 -9.21 18.89
C GLY D 16 1.09 -7.98 18.09
N ASP D 17 2.01 -7.46 17.29
CA ASP D 17 1.76 -6.30 16.45
C ASP D 17 1.36 -6.76 15.06
N ARG D 18 0.38 -6.08 14.47
CA ARG D 18 -0.07 -6.40 13.12
C ARG D 18 1.08 -6.19 12.14
N VAL D 19 1.29 -7.16 11.25
CA VAL D 19 2.40 -7.11 10.30
C VAL D 19 1.87 -7.28 8.89
N THR D 20 2.56 -6.67 7.93
CA THR D 20 2.16 -6.68 6.53
C THR D 20 3.38 -6.88 5.63
N ILE D 21 3.17 -7.61 4.54
CA ILE D 21 4.18 -7.84 3.51
C ILE D 21 3.60 -7.44 2.16
N THR D 22 4.40 -6.77 1.33
CA THR D 22 3.94 -6.27 0.04
C THR D 22 4.85 -6.73 -1.08
N CYS D 23 4.25 -6.97 -2.25
CA CYS D 23 5.03 -7.11 -3.48
C CYS D 23 4.25 -6.55 -4.67
N ARG D 24 5.00 -5.95 -5.60
CA ARG D 24 4.44 -5.27 -6.76
C ARG D 24 4.74 -6.06 -8.03
N ALA D 25 3.74 -6.23 -8.87
CA ALA D 25 3.93 -6.84 -10.17
C ALA D 25 4.51 -5.84 -11.17
N SER D 26 5.44 -6.30 -12.00
CA SER D 26 6.09 -5.41 -12.95
C SER D 26 5.10 -4.87 -13.97
N GLN D 27 4.22 -5.73 -14.49
CA GLN D 27 3.14 -5.32 -15.37
C GLN D 27 1.83 -5.87 -14.83
N SER D 28 0.73 -5.54 -15.49
CA SER D 28 -0.58 -5.97 -15.00
C SER D 28 -0.67 -7.48 -15.03
N VAL D 29 -1.21 -8.06 -13.95
CA VAL D 29 -1.18 -9.50 -13.72
C VAL D 29 -2.60 -9.96 -13.38
N SER D 30 -3.48 -9.00 -13.11
CA SER D 30 -4.83 -9.22 -12.58
C SER D 30 -4.67 -9.68 -11.13
N SER D 31 -5.67 -10.37 -10.59
CA SER D 31 -5.61 -10.83 -9.21
C SER D 31 -4.99 -12.21 -9.08
N ALA D 32 -4.11 -12.59 -10.01
CA ALA D 32 -3.45 -13.89 -9.98
C ALA D 32 -2.13 -13.76 -9.19
N VAL D 33 -2.28 -13.69 -7.87
CA VAL D 33 -1.15 -13.74 -6.95
C VAL D 33 -1.53 -14.63 -5.78
N ALA D 34 -0.63 -15.54 -5.41
CA ALA D 34 -0.84 -16.46 -4.30
C ALA D 34 0.27 -16.28 -3.27
N TRP D 35 -0.05 -16.60 -2.02
CA TRP D 35 0.86 -16.44 -0.89
C TRP D 35 1.09 -17.79 -0.23
N TYR D 36 2.35 -18.21 -0.17
CA TYR D 36 2.76 -19.48 0.41
C TYR D 36 3.62 -19.24 1.65
N GLN D 37 3.44 -20.10 2.64
CA GLN D 37 4.30 -20.12 3.82
C GLN D 37 5.08 -21.43 3.82
N GLN D 38 6.39 -21.34 3.88
CA GLN D 38 7.25 -22.51 3.96
C GLN D 38 7.94 -22.47 5.32
N LYS D 39 7.69 -23.50 6.13
CA LYS D 39 8.43 -23.69 7.36
C LYS D 39 9.76 -24.37 7.05
N PRO D 40 10.80 -24.15 7.86
CA PRO D 40 12.10 -24.73 7.54
C PRO D 40 12.04 -26.24 7.42
N GLY D 41 12.69 -26.77 6.38
CA GLY D 41 12.71 -28.18 6.10
C GLY D 41 11.38 -28.79 5.73
N LYS D 42 10.56 -28.12 4.93
CA LYS D 42 9.28 -28.66 4.50
C LYS D 42 8.83 -27.96 3.23
N ALA D 43 7.92 -28.60 2.51
CA ALA D 43 7.36 -27.99 1.32
C ALA D 43 6.45 -26.82 1.69
N PRO D 44 6.39 -25.79 0.85
CA PRO D 44 5.54 -24.65 1.15
C PRO D 44 4.07 -25.03 1.19
N LYS D 45 3.31 -24.29 1.99
CA LYS D 45 1.88 -24.49 2.17
C LYS D 45 1.14 -23.30 1.56
N LEU D 46 -0.04 -23.55 1.02
CA LEU D 46 -0.83 -22.49 0.39
C LEU D 46 -1.61 -21.73 1.45
N LEU D 47 -1.15 -20.51 1.77
CA LEU D 47 -1.91 -19.65 2.67
C LEU D 47 -3.06 -18.98 1.93
N ILE D 48 -2.75 -18.12 0.96
CA ILE D 48 -3.74 -17.28 0.30
C ILE D 48 -3.69 -17.54 -1.20
N TYR D 49 -4.85 -17.51 -1.85
CA TYR D 49 -4.90 -17.53 -3.30
C TYR D 49 -5.89 -16.48 -3.79
N SER D 50 -5.68 -16.01 -5.02
CA SER D 50 -6.37 -14.88 -5.64
C SER D 50 -6.09 -13.56 -4.94
N ALA D 51 -5.12 -13.55 -4.02
CA ALA D 51 -4.65 -12.38 -3.28
C ALA D 51 -5.65 -11.88 -2.26
N SER D 52 -6.88 -12.40 -2.31
CA SER D 52 -7.88 -12.04 -1.31
C SER D 52 -8.76 -13.21 -0.86
N SER D 53 -8.79 -14.32 -1.58
CA SER D 53 -9.71 -15.39 -1.28
C SER D 53 -9.04 -16.43 -0.39
N LEU D 54 -9.85 -17.23 0.29
CA LEU D 54 -9.33 -18.24 1.21
C LEU D 54 -10.22 -19.47 1.17
N TYR D 55 -9.57 -20.64 1.21
CA TYR D 55 -10.25 -21.92 1.29
C TYR D 55 -10.33 -22.36 2.75
N SER D 56 -10.61 -23.64 2.97
CA SER D 56 -10.71 -24.20 4.31
C SER D 56 -9.35 -24.67 4.81
N GLY D 57 -9.24 -24.80 6.12
CA GLY D 57 -8.06 -25.36 6.76
C GLY D 57 -7.07 -24.35 7.30
N VAL D 58 -7.08 -23.12 6.81
CA VAL D 58 -6.11 -22.11 7.22
C VAL D 58 -6.74 -21.29 8.35
N PRO D 59 -5.98 -20.87 9.36
CA PRO D 59 -6.54 -20.00 10.39
C PRO D 59 -7.02 -18.69 9.79
N SER D 60 -8.05 -18.11 10.41
CA SER D 60 -8.61 -16.84 9.97
C SER D 60 -7.72 -15.65 10.30
N ARG D 61 -6.52 -15.91 10.84
CA ARG D 61 -5.63 -14.82 11.21
C ARG D 61 -5.08 -14.09 10.00
N PHE D 62 -4.78 -14.83 8.92
CA PHE D 62 -4.15 -14.27 7.74
C PHE D 62 -5.19 -13.69 6.79
N SER D 63 -4.81 -12.61 6.10
CA SER D 63 -5.67 -11.94 5.13
C SER D 63 -4.83 -11.35 4.01
N GLY D 64 -5.47 -11.01 2.90
CA GLY D 64 -4.76 -10.42 1.78
C GLY D 64 -5.60 -9.36 1.10
N SER D 65 -4.93 -8.49 0.35
CA SER D 65 -5.62 -7.45 -0.40
C SER D 65 -4.76 -7.00 -1.59
N ARG D 66 -5.41 -6.36 -2.56
CA ARG D 66 -4.73 -5.85 -3.74
C ARG D 66 -5.18 -4.42 -4.04
N SER D 67 -4.26 -3.61 -4.56
CA SER D 67 -4.58 -2.28 -5.06
C SER D 67 -3.63 -1.96 -6.20
N GLY D 68 -4.20 -1.73 -7.39
CA GLY D 68 -3.36 -1.53 -8.56
C GLY D 68 -2.55 -2.78 -8.86
N THR D 69 -1.23 -2.62 -8.96
CA THR D 69 -0.32 -3.75 -9.08
C THR D 69 0.36 -4.11 -7.78
N ASP D 70 -0.08 -3.54 -6.65
CA ASP D 70 0.44 -3.89 -5.34
C ASP D 70 -0.43 -4.97 -4.71
N PHE D 71 0.21 -5.95 -4.08
CA PHE D 71 -0.47 -7.00 -3.35
C PHE D 71 0.12 -7.07 -1.95
N THR D 72 -0.75 -7.20 -0.95
CA THR D 72 -0.33 -7.18 0.45
C THR D 72 -0.93 -8.36 1.20
N LEU D 73 -0.14 -8.91 2.12
CA LEU D 73 -0.54 -9.98 3.02
C LEU D 73 -0.44 -9.46 4.45
N THR D 74 -1.52 -9.64 5.22
CA THR D 74 -1.61 -9.12 6.57
C THR D 74 -1.76 -10.26 7.57
N ILE D 75 -1.03 -10.15 8.67
CA ILE D 75 -1.17 -11.02 9.84
C ILE D 75 -1.57 -10.12 11.00
N SER D 76 -2.69 -10.45 11.66
CA SER D 76 -3.21 -9.60 12.72
C SER D 76 -2.48 -9.86 14.04
N SER D 77 -2.59 -11.07 14.57
CA SER D 77 -2.02 -11.42 15.86
C SER D 77 -0.80 -12.31 15.65
N LEU D 78 0.39 -11.76 15.85
CA LEU D 78 1.60 -12.55 15.72
C LEU D 78 1.65 -13.64 16.79
N GLN D 79 2.10 -14.81 16.40
CA GLN D 79 2.10 -16.02 17.22
C GLN D 79 3.48 -16.66 17.18
N PRO D 80 3.78 -17.55 18.12
CA PRO D 80 5.06 -18.28 18.04
C PRO D 80 5.20 -19.16 16.82
N GLU D 81 4.09 -19.56 16.19
CA GLU D 81 4.11 -20.44 15.03
C GLU D 81 4.12 -19.70 13.71
N ASP D 82 4.21 -18.37 13.72
CA ASP D 82 4.13 -17.61 12.49
C ASP D 82 5.51 -17.33 11.89
N PHE D 83 6.57 -17.83 12.52
CA PHE D 83 7.90 -17.51 12.04
C PHE D 83 8.39 -18.53 11.01
N ALA D 84 8.15 -18.21 9.73
CA ALA D 84 8.52 -19.04 8.59
C ALA D 84 8.86 -18.09 7.43
N THR D 85 8.99 -18.64 6.23
CA THR D 85 9.32 -17.82 5.05
C THR D 85 8.07 -17.68 4.17
N TYR D 86 7.91 -16.51 3.56
CA TYR D 86 6.66 -16.14 2.91
C TYR D 86 6.94 -15.71 1.47
N TYR D 87 6.25 -16.35 0.52
CA TYR D 87 6.44 -16.11 -0.91
C TYR D 87 5.15 -15.62 -1.54
N CYS D 88 5.26 -14.60 -2.38
CA CYS D 88 4.17 -14.22 -3.28
C CYS D 88 4.55 -14.67 -4.68
N GLN D 89 3.67 -15.43 -5.32
CA GLN D 89 3.90 -15.90 -6.67
C GLN D 89 2.80 -15.35 -7.57
N GLN D 90 3.20 -14.72 -8.67
CA GLN D 90 2.27 -14.48 -9.76
C GLN D 90 2.24 -15.69 -10.67
N TYR D 91 1.05 -16.14 -11.02
CA TYR D 91 0.86 -17.38 -11.76
C TYR D 91 -0.06 -17.14 -12.94
N LEU D 92 0.22 -16.11 -13.72
CA LEU D 92 -0.68 -15.69 -14.78
C LEU D 92 -0.89 -16.82 -15.80
N TYR D 93 0.16 -17.25 -16.48
CA TYR D 93 0.09 -18.38 -17.41
C TYR D 93 0.95 -19.53 -16.89
N TYR D 94 0.75 -20.73 -17.48
CA TYR D 94 1.50 -21.92 -17.11
C TYR D 94 3.00 -21.71 -17.28
N SER D 95 3.40 -21.01 -18.34
CA SER D 95 4.81 -20.88 -18.66
C SER D 95 5.42 -19.60 -18.10
N LEU D 96 4.61 -18.61 -17.73
CA LEU D 96 5.10 -17.33 -17.25
C LEU D 96 5.04 -17.25 -15.73
N VAL D 97 5.33 -18.36 -15.05
CA VAL D 97 5.25 -18.39 -13.60
C VAL D 97 6.52 -17.78 -13.02
N THR D 98 6.35 -16.81 -12.11
CA THR D 98 7.46 -16.16 -11.44
C THR D 98 7.20 -16.10 -9.95
N PHE D 99 8.26 -16.28 -9.18
CA PHE D 99 8.17 -16.24 -7.72
C PHE D 99 8.73 -14.93 -7.19
N GLY D 100 8.29 -14.53 -6.01
CA GLY D 100 8.88 -13.40 -5.32
C GLY D 100 10.18 -13.81 -4.66
N GLN D 101 10.74 -12.89 -3.87
CA GLN D 101 11.98 -13.17 -3.17
C GLN D 101 11.76 -14.00 -1.91
N GLY D 102 10.93 -13.50 -1.00
CA GLY D 102 10.63 -14.19 0.24
C GLY D 102 11.00 -13.32 1.42
N THR D 103 10.20 -13.45 2.49
CA THR D 103 10.39 -12.61 3.68
C THR D 103 10.31 -13.51 4.91
N LYS D 104 11.37 -13.52 5.70
CA LYS D 104 11.41 -14.23 6.98
C LYS D 104 11.76 -13.20 8.06
N VAL D 105 10.95 -13.14 9.10
CA VAL D 105 11.17 -12.26 10.24
C VAL D 105 11.29 -13.12 11.50
N GLU D 106 12.32 -12.84 12.29
CA GLU D 106 12.64 -13.65 13.46
C GLU D 106 11.69 -13.35 14.62
N ILE D 107 12.06 -13.85 15.79
CA ILE D 107 11.16 -13.95 16.95
C ILE D 107 11.42 -12.78 17.87
N LYS D 108 10.36 -12.06 18.25
CA LYS D 108 10.50 -11.03 19.28
C LYS D 108 9.69 -11.42 20.51
N ARG D 109 10.37 -11.49 21.66
CA ARG D 109 9.74 -11.88 22.92
C ARG D 109 10.66 -11.46 24.05
N THR D 110 10.28 -11.85 25.27
CA THR D 110 11.04 -11.48 26.45
C THR D 110 12.45 -12.08 26.39
N VAL D 111 13.43 -11.28 26.79
CA VAL D 111 14.82 -11.64 26.57
C VAL D 111 15.29 -12.63 27.61
N ALA D 112 15.76 -13.79 27.15
CA ALA D 112 16.58 -14.68 27.94
C ALA D 112 18.04 -14.38 27.58
N ALA D 113 18.83 -14.01 28.58
CA ALA D 113 20.19 -13.58 28.30
C ALA D 113 20.98 -14.74 27.67
N PRO D 114 21.84 -14.45 26.70
CA PRO D 114 22.57 -15.52 25.98
C PRO D 114 23.36 -16.41 26.93
N SER D 115 23.49 -17.68 26.56
CA SER D 115 24.31 -18.64 27.30
C SER D 115 25.51 -19.03 26.44
N VAL D 116 26.71 -18.88 26.98
CA VAL D 116 27.92 -19.26 26.26
C VAL D 116 28.34 -20.65 26.69
N PHE D 117 28.34 -21.60 25.74
CA PHE D 117 28.81 -22.94 26.04
C PHE D 117 29.89 -23.39 25.06
N ILE D 118 30.89 -24.07 25.62
CA ILE D 118 31.97 -24.67 24.87
C ILE D 118 31.71 -26.18 24.76
N PHE D 119 31.83 -26.69 23.54
CA PHE D 119 31.60 -28.11 23.24
C PHE D 119 32.85 -28.69 22.60
N PRO D 120 33.82 -29.17 23.37
CA PRO D 120 34.91 -29.93 22.78
C PRO D 120 34.56 -31.39 22.71
N PRO D 121 35.01 -32.09 21.68
CA PRO D 121 34.91 -33.56 21.69
C PRO D 121 35.99 -34.17 22.55
N SER D 122 35.85 -35.46 22.82
CA SER D 122 36.86 -36.19 23.57
C SER D 122 38.17 -36.24 22.79
N ASP D 123 39.25 -36.57 23.50
CA ASP D 123 40.56 -36.62 22.85
C ASP D 123 40.68 -37.82 21.90
N SER D 124 39.73 -38.76 21.95
CA SER D 124 39.77 -39.92 21.08
C SER D 124 39.51 -39.58 19.62
N GLN D 125 39.03 -38.38 19.32
CA GLN D 125 38.82 -37.96 17.94
C GLN D 125 40.11 -37.86 17.16
N LEU D 126 41.24 -37.70 17.87
CA LEU D 126 42.52 -37.49 17.20
C LEU D 126 42.93 -38.68 16.35
N LYS D 127 42.35 -39.86 16.62
CA LYS D 127 42.65 -41.04 15.82
C LYS D 127 42.28 -40.84 14.35
N SER D 128 41.23 -40.05 14.08
CA SER D 128 40.75 -39.86 12.72
C SER D 128 41.54 -38.82 11.94
N GLY D 129 42.40 -38.05 12.61
CA GLY D 129 43.23 -37.07 11.92
C GLY D 129 42.71 -35.65 11.95
N THR D 130 41.69 -35.34 12.74
CA THR D 130 41.17 -33.99 12.85
C THR D 130 40.56 -33.78 14.23
N ALA D 131 40.43 -32.50 14.59
CA ALA D 131 39.81 -32.12 15.87
C ALA D 131 38.93 -30.91 15.61
N SER D 132 37.62 -31.06 15.80
CA SER D 132 36.65 -30.01 15.55
C SER D 132 35.86 -29.73 16.81
N VAL D 133 35.82 -28.45 17.21
CA VAL D 133 35.19 -28.00 18.45
C VAL D 133 34.10 -27.01 18.11
N VAL D 134 33.15 -26.82 19.03
CA VAL D 134 32.03 -25.90 18.85
C VAL D 134 32.02 -24.88 20.01
N CYS D 135 31.69 -23.63 19.70
CA CYS D 135 31.37 -22.60 20.70
C CYS D 135 30.01 -22.02 20.32
N LEU D 136 29.06 -22.01 21.26
CA LEU D 136 27.68 -21.72 20.89
C LEU D 136 27.02 -20.75 21.86
N LEU D 137 26.15 -19.91 21.31
CA LEU D 137 25.30 -18.95 22.03
C LEU D 137 23.89 -19.55 22.05
N ASN D 138 23.49 -20.00 23.23
CA ASN D 138 22.24 -20.73 23.40
C ASN D 138 21.18 -19.80 24.01
N ASN D 139 20.01 -19.74 23.38
CA ASN D 139 18.85 -18.97 23.83
C ASN D 139 19.19 -17.48 23.92
N PHE D 140 19.44 -16.88 22.75
CA PHE D 140 19.82 -15.47 22.67
C PHE D 140 19.07 -14.76 21.55
N TYR D 141 18.92 -13.45 21.71
CA TYR D 141 18.31 -12.59 20.70
C TYR D 141 18.73 -11.16 21.01
N PRO D 142 19.01 -10.33 19.98
CA PRO D 142 18.92 -10.54 18.52
C PRO D 142 20.10 -11.29 17.89
N ARG D 143 20.20 -11.25 16.56
CA ARG D 143 21.11 -12.14 15.83
C ARG D 143 22.56 -11.69 15.89
N GLU D 144 22.83 -10.38 15.84
CA GLU D 144 24.18 -9.88 15.58
C GLU D 144 25.18 -10.26 16.65
N ALA D 145 26.09 -11.19 16.32
CA ALA D 145 27.17 -11.59 17.22
C ALA D 145 28.29 -12.23 16.40
N LYS D 146 29.46 -12.34 17.02
CA LYS D 146 30.60 -12.98 16.39
C LYS D 146 31.45 -13.69 17.43
N VAL D 147 32.28 -14.63 16.97
CA VAL D 147 33.14 -15.44 17.83
C VAL D 147 34.53 -15.46 17.22
N GLN D 148 35.55 -15.36 18.07
CA GLN D 148 36.95 -15.59 17.72
C GLN D 148 37.52 -16.67 18.64
N TRP D 149 38.68 -17.19 18.27
CA TRP D 149 39.33 -18.26 19.03
C TRP D 149 40.60 -17.70 19.67
N LYS D 150 40.44 -17.16 20.89
CA LYS D 150 41.57 -16.64 21.64
C LYS D 150 42.17 -17.75 22.49
N VAL D 151 42.76 -18.72 21.80
CA VAL D 151 43.44 -19.84 22.46
C VAL D 151 44.85 -19.36 22.81
N ASP D 152 45.15 -19.28 24.10
CA ASP D 152 46.41 -18.74 24.60
C ASP D 152 46.66 -17.34 24.07
N ASN D 153 45.58 -16.56 23.98
CA ASN D 153 45.63 -15.17 23.53
C ASN D 153 46.28 -15.04 22.15
N ALA D 154 45.92 -15.96 21.25
CA ALA D 154 46.41 -15.93 19.87
C ALA D 154 45.21 -15.87 18.95
N LEU D 155 45.19 -14.88 18.05
CA LEU D 155 44.05 -14.71 17.16
C LEU D 155 43.98 -15.84 16.14
N GLN D 156 42.77 -16.28 15.84
CA GLN D 156 42.52 -17.31 14.82
C GLN D 156 41.57 -16.74 13.77
N SER D 157 41.86 -17.04 12.51
CA SER D 157 41.02 -16.61 11.39
C SER D 157 41.02 -17.68 10.31
N GLY D 158 39.95 -17.71 9.53
CA GLY D 158 39.84 -18.64 8.43
C GLY D 158 39.26 -19.99 8.81
N ASN D 159 39.93 -20.69 9.72
CA ASN D 159 39.51 -22.02 10.15
C ASN D 159 38.31 -21.97 11.10
N SER D 160 37.92 -20.79 11.58
CA SER D 160 36.72 -20.63 12.39
C SER D 160 35.54 -20.36 11.46
N GLN D 161 34.49 -21.18 11.56
CA GLN D 161 33.32 -21.04 10.72
C GLN D 161 32.12 -20.68 11.59
N GLU D 162 31.45 -19.58 11.24
CA GLU D 162 30.34 -19.03 12.00
C GLU D 162 29.03 -19.28 11.27
N SER D 163 27.97 -19.55 12.03
CA SER D 163 26.65 -19.75 11.45
C SER D 163 25.61 -19.58 12.54
N VAL D 164 24.58 -18.79 12.26
CA VAL D 164 23.44 -18.69 13.16
C VAL D 164 22.41 -19.75 12.78
N THR D 165 21.80 -20.37 13.78
CA THR D 165 20.78 -21.37 13.51
C THR D 165 19.39 -20.74 13.64
N GLU D 166 18.47 -21.24 12.83
CA GLU D 166 17.09 -20.79 12.88
C GLU D 166 16.27 -21.70 13.80
N GLN D 167 15.03 -21.29 14.05
CA GLN D 167 14.08 -22.14 14.76
C GLN D 167 13.62 -23.23 13.80
N ASP D 168 14.40 -24.29 13.70
CA ASP D 168 14.05 -25.44 12.88
C ASP D 168 12.76 -26.08 13.39
N SER D 169 12.15 -26.89 12.52
CA SER D 169 10.87 -27.52 12.82
C SER D 169 10.99 -28.73 13.74
N LYS D 170 12.14 -28.92 14.39
CA LYS D 170 12.34 -30.05 15.27
C LYS D 170 12.52 -29.66 16.73
N ASP D 171 13.49 -28.78 17.04
CA ASP D 171 13.83 -28.48 18.42
C ASP D 171 13.48 -27.07 18.86
N SER D 172 13.27 -26.15 17.92
CA SER D 172 12.81 -24.78 18.22
C SER D 172 13.75 -24.04 19.18
N THR D 173 15.05 -24.12 18.91
CA THR D 173 16.05 -23.42 19.70
C THR D 173 16.50 -22.15 18.98
N TYR D 174 17.34 -21.36 19.66
CA TYR D 174 18.01 -20.18 19.09
C TYR D 174 19.47 -20.19 19.53
N SER D 175 20.36 -20.65 18.64
CA SER D 175 21.77 -20.86 18.95
C SER D 175 22.64 -20.28 17.85
N LEU D 176 23.87 -19.91 18.21
CA LEU D 176 24.85 -19.40 17.25
C LEU D 176 26.12 -20.21 17.41
N SER D 177 26.66 -20.72 16.29
CA SER D 177 27.74 -21.69 16.30
C SER D 177 29.00 -21.11 15.68
N SER D 178 30.13 -21.36 16.35
CA SER D 178 31.46 -21.12 15.82
C SER D 178 32.25 -22.41 15.94
N THR D 179 32.56 -23.02 14.81
CA THR D 179 33.19 -24.33 14.76
C THR D 179 34.64 -24.17 14.30
N LEU D 180 35.56 -24.81 15.00
CA LEU D 180 36.98 -24.78 14.61
C LEU D 180 37.41 -26.21 14.30
N THR D 181 37.97 -26.39 13.10
CA THR D 181 38.49 -27.68 12.68
C THR D 181 39.99 -27.54 12.43
N LEU D 182 40.79 -28.32 13.15
CA LEU D 182 42.24 -28.30 13.00
C LEU D 182 42.76 -29.70 12.75
N SER D 183 43.97 -29.77 12.20
CA SER D 183 44.61 -31.03 11.91
C SER D 183 45.50 -31.47 13.08
N LYS D 184 46.11 -32.65 12.93
CA LYS D 184 46.97 -33.19 13.98
C LYS D 184 48.22 -32.35 14.16
N ALA D 185 48.73 -31.76 13.07
CA ALA D 185 49.90 -30.89 13.17
C ALA D 185 49.59 -29.66 14.03
N ASP D 186 48.37 -29.14 13.92
CA ASP D 186 48.01 -27.95 14.69
C ASP D 186 47.78 -28.28 16.16
N TYR D 187 47.66 -29.56 16.49
CA TYR D 187 47.39 -29.97 17.87
C TYR D 187 48.56 -29.66 18.79
N GLU D 188 49.77 -29.54 18.26
CA GLU D 188 50.95 -29.28 19.07
C GLU D 188 51.04 -27.83 19.55
N LYS D 189 50.31 -26.92 18.93
CA LYS D 189 50.38 -25.50 19.28
C LYS D 189 49.23 -25.04 20.17
N HIS D 190 48.10 -25.73 20.14
CA HIS D 190 46.94 -25.36 20.94
C HIS D 190 46.39 -26.59 21.65
N LYS D 191 46.21 -26.48 22.97
CA LYS D 191 45.83 -27.61 23.80
C LYS D 191 44.49 -27.40 24.50
N VAL D 192 44.26 -26.20 25.02
CA VAL D 192 43.01 -25.85 25.71
C VAL D 192 42.14 -25.06 24.75
N TYR D 193 40.90 -25.50 24.59
CA TYR D 193 39.97 -24.91 23.63
C TYR D 193 39.20 -23.76 24.29
N ALA D 194 39.49 -22.55 23.84
CA ALA D 194 38.88 -21.34 24.38
C ALA D 194 38.33 -20.49 23.24
N CYS D 195 37.07 -20.07 23.39
CA CYS D 195 36.39 -19.20 22.43
C CYS D 195 35.99 -17.90 23.13
N GLU D 196 36.17 -16.78 22.44
CA GLU D 196 35.74 -15.48 22.94
C GLU D 196 34.69 -14.92 21.98
N VAL D 197 33.51 -14.64 22.52
CA VAL D 197 32.36 -14.21 21.72
C VAL D 197 31.96 -12.80 22.13
N THR D 198 31.67 -11.97 21.12
CA THR D 198 31.10 -10.64 21.32
C THR D 198 29.68 -10.62 20.76
N HIS D 199 28.74 -10.21 21.62
CA HIS D 199 27.33 -10.09 21.25
C HIS D 199 26.80 -8.77 21.75
N GLN D 200 25.77 -8.26 21.06
CA GLN D 200 25.04 -7.11 21.58
C GLN D 200 24.51 -7.38 22.98
N GLY D 201 24.16 -8.63 23.27
CA GLY D 201 23.73 -9.10 24.57
C GLY D 201 24.86 -9.48 25.49
N LEU D 202 26.10 -9.17 25.11
CA LEU D 202 27.26 -9.35 25.98
C LEU D 202 28.00 -8.02 26.04
N SER D 203 27.93 -7.35 27.20
CA SER D 203 28.62 -6.07 27.36
C SER D 203 30.13 -6.25 27.31
N SER D 204 30.62 -7.42 27.68
CA SER D 204 32.02 -7.78 27.57
C SER D 204 32.15 -9.12 26.88
N PRO D 205 33.16 -9.31 26.04
CA PRO D 205 33.32 -10.60 25.35
C PRO D 205 33.53 -11.73 26.35
N VAL D 206 32.99 -12.90 26.01
CA VAL D 206 33.05 -14.07 26.87
C VAL D 206 34.17 -14.98 26.38
N THR D 207 35.09 -15.33 27.27
CA THR D 207 36.14 -16.30 26.99
C THR D 207 35.84 -17.57 27.77
N LYS D 208 35.80 -18.71 27.06
CA LYS D 208 35.46 -19.99 27.66
C LYS D 208 36.47 -21.05 27.23
N SER D 209 36.85 -21.92 28.17
CA SER D 209 37.86 -22.95 27.96
C SER D 209 37.45 -24.25 28.63
N PHE D 210 38.13 -25.34 28.25
CA PHE D 210 37.96 -26.62 28.91
C PHE D 210 39.34 -27.17 29.25
N ASN D 211 39.42 -27.88 30.36
CA ASN D 211 40.68 -28.47 30.82
C ASN D 211 40.71 -29.95 30.50
N ARG D 212 41.85 -30.41 29.98
CA ARG D 212 42.02 -31.82 29.65
C ARG D 212 43.08 -32.44 30.55
#